data_6SRE
#
_entry.id   6SRE
#
_cell.length_a   103.725
_cell.length_b   106.858
_cell.length_c   216.323
_cell.angle_alpha   90.000
_cell.angle_beta   90.000
_cell.angle_gamma   90.000
#
_symmetry.space_group_name_H-M   'C 2 2 21'
#
loop_
_entity.id
_entity.type
_entity.pdbx_description
1 polymer 'Xaa-Pro dipeptidase'
2 non-polymer 'MANGANESE (II) ION'
3 non-polymer GLYCEROL
4 non-polymer 'MANGANESE ION, 1 HYDROXYL COORDINATED'
5 non-polymer GLYCINE
6 non-polymer PROLINE
7 water water
#
_entity_poly.entity_id   1
_entity_poly.type   'polypeptide(L)'
_entity_poly.pdbx_seq_one_letter_code
;GPSFWLGNETLKVPLALFALNRQRLCERLRKNPAVQAGSIVVLQGGEETQRYCTDTGVLFRQESFFHWAFGVTEPGCYGV
IDVDTGKSTLFVPRLPASHATWMGKIHSKEHFKEKYAVDDVQYVDEIASVLTSQKPSVLLTLRGVNTDSGSVCREASFDG
ISKFEVNNTILHPEIVECRVFKTDMELEVLRYTNKIFSEAHREVMKAVKVGMKEYELESLFEHYCYSRGGMRHSSYTCIC
GSGENSAVLHYGHAGAPNDRTIQNGDMCLFDMGGEYYCFASDITCSFPANGKFTADQKAVYEAVLRSSRAVMGAMKPGVW
WPDMHRLADRIHLEELAHMGILSGSVDAMVQAHLGAVFMPHGLGHFLGIDVHDVGGYPEGVERIDEPGLRSLRTARHLQP
GMVLTVEPGIYFIDHLLDEALADPARASFLNREVLQRFRGFGGVRIEEDVVVTDSGIELLTCVPRTVEEIEACMAGCDKA
FTPF
;
_entity_poly.pdbx_strand_id   A,B
#
# COMPACT_ATOMS: atom_id res chain seq x y z
N GLY A 1 -21.31 23.76 -7.09
CA GLY A 1 -20.95 22.56 -7.84
C GLY A 1 -20.64 21.38 -6.93
N PRO A 2 -20.30 20.24 -7.53
CA PRO A 2 -20.00 19.03 -6.76
C PRO A 2 -18.67 19.08 -6.02
N SER A 3 -18.56 18.22 -5.01
CA SER A 3 -17.35 18.11 -4.19
CA SER A 3 -17.33 18.12 -4.23
C SER A 3 -17.04 16.67 -3.88
N PHE A 4 -15.75 16.39 -3.75
CA PHE A 4 -15.26 15.18 -3.18
C PHE A 4 -15.37 15.30 -1.66
N TRP A 5 -15.82 14.25 -1.00
CA TRP A 5 -16.04 14.26 0.44
C TRP A 5 -16.04 12.84 0.95
N LEU A 6 -15.48 12.61 2.12
CA LEU A 6 -15.57 11.28 2.76
C LEU A 6 -16.42 11.33 4.03
N GLY A 7 -17.29 12.33 4.11
CA GLY A 7 -18.26 12.44 5.18
C GLY A 7 -17.66 12.84 6.51
N ASN A 8 -18.45 12.66 7.56
CA ASN A 8 -18.05 13.04 8.92
C ASN A 8 -17.46 14.47 8.92
N GLU A 9 -16.24 14.63 9.43
CA GLU A 9 -15.59 15.94 9.50
C GLU A 9 -14.51 16.11 8.43
N THR A 10 -14.51 15.25 7.42
CA THR A 10 -13.50 15.37 6.36
C THR A 10 -13.83 16.57 5.47
N LEU A 11 -12.84 16.98 4.71
CA LEU A 11 -12.95 18.17 3.88
C LEU A 11 -13.71 17.95 2.58
N LYS A 12 -14.62 18.87 2.27
CA LYS A 12 -15.25 18.91 0.97
C LYS A 12 -14.34 19.67 0.00
N VAL A 13 -13.89 18.97 -1.04
CA VAL A 13 -13.01 19.55 -2.06
C VAL A 13 -13.80 19.76 -3.35
N PRO A 14 -14.03 21.03 -3.73
CA PRO A 14 -14.85 21.27 -4.92
C PRO A 14 -14.17 20.79 -6.19
N LEU A 15 -14.92 20.18 -7.10
CA LEU A 15 -14.35 19.79 -8.38
C LEU A 15 -13.97 21.02 -9.20
N ALA A 16 -14.46 22.19 -8.81
CA ALA A 16 -14.00 23.44 -9.39
C ALA A 16 -12.48 23.64 -9.27
N LEU A 17 -11.86 23.01 -8.27
CA LEU A 17 -10.42 23.09 -8.13
C LEU A 17 -9.72 22.64 -9.42
N PHE A 18 -10.18 21.52 -9.97
CA PHE A 18 -9.54 20.95 -11.14
C PHE A 18 -9.91 21.72 -12.41
N ALA A 19 -11.13 22.24 -12.47
CA ALA A 19 -11.49 23.11 -13.57
C ALA A 19 -10.59 24.35 -13.63
N LEU A 20 -10.26 24.90 -12.47
CA LEU A 20 -9.38 26.05 -12.44
C LEU A 20 -7.98 25.65 -12.94
N ASN A 21 -7.50 24.49 -12.52
CA ASN A 21 -6.21 24.03 -13.00
C ASN A 21 -6.20 23.87 -14.51
N ARG A 22 -7.27 23.34 -15.07
CA ARG A 22 -7.33 23.19 -16.51
C ARG A 22 -7.30 24.56 -17.20
N GLN A 23 -8.04 25.51 -16.67
CA GLN A 23 -8.05 26.87 -17.19
C GLN A 23 -6.65 27.47 -17.15
N ARG A 24 -5.98 27.31 -16.01
CA ARG A 24 -4.64 27.88 -15.84
C ARG A 24 -3.64 27.28 -16.82
N LEU A 25 -3.74 25.98 -17.02
CA LEU A 25 -2.88 25.32 -17.99
C LEU A 25 -3.10 25.85 -19.42
N CYS A 26 -4.37 25.97 -19.82
CA CYS A 26 -4.67 26.50 -21.15
C CYS A 26 -4.14 27.91 -21.30
N GLU A 27 -4.32 28.73 -20.27
CA GLU A 27 -3.87 30.13 -20.31
C GLU A 27 -2.36 30.21 -20.51
N ARG A 28 -1.62 29.36 -19.82
CA ARG A 28 -0.19 29.31 -19.98
C ARG A 28 0.19 28.81 -21.37
N LEU A 29 -0.48 27.76 -21.86
CA LEU A 29 -0.15 27.25 -23.17
C LEU A 29 -0.45 28.24 -24.29
N ARG A 30 -1.51 29.02 -24.15
CA ARG A 30 -1.89 29.99 -25.16
C ARG A 30 -0.80 31.05 -25.32
N LYS A 31 -0.03 31.28 -24.26
CA LYS A 31 1.02 32.31 -24.30
C LYS A 31 2.34 31.77 -24.84
N ASN A 32 2.43 30.45 -25.02
CA ASN A 32 3.64 29.82 -25.53
C ASN A 32 3.63 29.95 -27.05
N PRO A 33 4.62 30.66 -27.62
CA PRO A 33 4.53 30.94 -29.06
C PRO A 33 4.63 29.70 -29.95
N ALA A 34 5.12 28.58 -29.42
CA ALA A 34 5.27 27.35 -30.19
C ALA A 34 3.97 26.58 -30.27
N VAL A 35 2.97 26.97 -29.49
CA VAL A 35 1.73 26.21 -29.41
C VAL A 35 0.86 26.61 -30.56
N GLN A 36 0.39 25.61 -31.32
CA GLN A 36 -0.43 25.88 -32.48
C GLN A 36 -1.87 25.98 -32.06
N ALA A 37 -2.62 26.80 -32.78
CA ALA A 37 -4.06 26.85 -32.56
C ALA A 37 -4.62 25.48 -32.88
N GLY A 38 -5.69 25.11 -32.19
CA GLY A 38 -6.31 23.81 -32.40
C GLY A 38 -5.62 22.66 -31.69
N SER A 39 -4.73 22.96 -30.75
CA SER A 39 -4.04 21.90 -30.01
C SER A 39 -4.93 21.32 -28.93
N ILE A 40 -4.73 20.04 -28.64
CA ILE A 40 -5.48 19.35 -27.58
C ILE A 40 -4.49 18.65 -26.65
N VAL A 41 -4.60 18.95 -25.37
CA VAL A 41 -3.82 18.27 -24.34
C VAL A 41 -4.43 16.88 -24.15
N VAL A 42 -3.58 15.85 -24.20
CA VAL A 42 -4.04 14.48 -23.99
C VAL A 42 -3.27 13.85 -22.83
N LEU A 43 -4.00 13.51 -21.77
CA LEU A 43 -3.42 12.81 -20.63
C LEU A 43 -4.07 11.45 -20.44
N GLN A 44 -3.25 10.49 -20.02
CA GLN A 44 -3.73 9.14 -19.74
C GLN A 44 -3.65 8.88 -18.25
N GLY A 45 -4.75 8.40 -17.68
CA GLY A 45 -4.82 8.11 -16.26
C GLY A 45 -4.13 6.80 -15.94
N GLY A 46 -3.95 6.54 -14.66
CA GLY A 46 -3.39 5.29 -14.20
C GLY A 46 -4.36 4.15 -14.40
N GLU A 47 -3.79 2.95 -14.46
CA GLU A 47 -4.53 1.70 -14.57
C GLU A 47 -4.35 0.88 -13.30
N GLU A 48 -5.30 -0.01 -13.03
CA GLU A 48 -5.17 -0.92 -11.91
C GLU A 48 -3.99 -1.86 -12.15
N THR A 49 -3.27 -2.18 -11.08
CA THR A 49 -2.14 -3.08 -11.15
C THR A 49 -2.30 -4.18 -10.13
N GLN A 50 -1.53 -5.25 -10.34
CA GLN A 50 -1.52 -6.40 -9.47
CA GLN A 50 -1.53 -6.40 -9.46
C GLN A 50 -0.10 -6.67 -8.98
N ARG A 51 0.15 -7.33 -7.87
CA ARG A 51 1.41 -7.87 -7.34
C ARG A 51 1.97 -8.94 -8.31
N TYR A 52 3.05 -8.61 -8.83
CA TYR A 52 3.79 -9.59 -9.63
C TYR A 52 2.81 -10.33 -10.55
N CYS A 53 2.84 -11.66 -10.56
CA CYS A 53 1.98 -12.46 -11.44
C CYS A 53 0.67 -12.90 -10.79
N THR A 54 0.40 -12.38 -9.60
CA THR A 54 -0.78 -12.79 -8.83
C THR A 54 -1.98 -11.95 -9.20
N ASP A 55 -3.14 -12.32 -8.67
CA ASP A 55 -4.33 -11.50 -8.84
C ASP A 55 -4.54 -10.58 -7.63
N THR A 56 -3.52 -10.41 -6.80
CA THR A 56 -3.60 -9.51 -5.64
C THR A 56 -3.53 -8.11 -6.14
N GLY A 57 -4.62 -7.38 -5.95
CA GLY A 57 -4.69 -6.01 -6.42
C GLY A 57 -3.88 -5.07 -5.56
N VAL A 58 -3.32 -4.06 -6.22
CA VAL A 58 -2.67 -2.97 -5.53
C VAL A 58 -3.69 -1.83 -5.43
N LEU A 59 -3.80 -1.19 -4.27
CA LEU A 59 -4.79 -0.11 -4.11
C LEU A 59 -4.44 0.98 -5.12
N PHE A 60 -5.44 1.36 -5.89
CA PHE A 60 -5.23 2.29 -6.98
C PHE A 60 -5.17 3.73 -6.50
N ARG A 61 -4.11 4.41 -6.91
CA ARG A 61 -3.92 5.83 -6.67
C ARG A 61 -3.62 6.48 -8.01
N GLN A 62 -4.33 7.56 -8.30
CA GLN A 62 -4.26 8.22 -9.61
C GLN A 62 -2.88 8.82 -9.86
N GLU A 63 -2.49 8.82 -11.13
CA GLU A 63 -1.26 9.50 -11.54
C GLU A 63 -1.39 11.00 -11.27
N SER A 64 -0.31 11.61 -10.79
CA SER A 64 -0.40 12.98 -10.26
C SER A 64 -0.77 14.08 -11.24
N PHE A 65 -0.21 14.09 -12.45
CA PHE A 65 -0.59 15.12 -13.42
C PHE A 65 -2.07 14.97 -13.81
N PHE A 66 -2.50 13.73 -14.00
CA PHE A 66 -3.88 13.48 -14.38
C PHE A 66 -4.81 13.92 -13.26
N HIS A 67 -4.44 13.62 -12.02
CA HIS A 67 -5.23 14.08 -10.88
C HIS A 67 -5.31 15.60 -10.83
N TRP A 68 -4.16 16.25 -11.00
CA TRP A 68 -4.10 17.70 -10.95
C TRP A 68 -5.09 18.32 -11.92
N ALA A 69 -5.21 17.71 -13.11
CA ALA A 69 -6.05 18.26 -14.16
C ALA A 69 -7.54 17.87 -14.04
N PHE A 70 -7.82 16.70 -13.48
CA PHE A 70 -9.18 16.13 -13.52
C PHE A 70 -9.77 15.63 -12.21
N GLY A 71 -8.93 15.26 -11.24
CA GLY A 71 -9.43 14.79 -9.96
C GLY A 71 -10.14 13.44 -9.97
N VAL A 72 -9.88 12.67 -11.01
CA VAL A 72 -10.59 11.41 -11.26
C VAL A 72 -9.96 10.28 -10.48
N THR A 73 -10.80 9.55 -9.76
CA THR A 73 -10.31 8.47 -8.90
C THR A 73 -10.36 7.09 -9.54
N GLU A 74 -11.10 6.95 -10.64
CA GLU A 74 -11.29 5.65 -11.29
C GLU A 74 -10.11 5.30 -12.18
N PRO A 75 -9.71 4.02 -12.18
CA PRO A 75 -8.66 3.56 -13.10
C PRO A 75 -9.13 3.46 -14.54
N GLY A 76 -8.19 3.53 -15.48
CA GLY A 76 -8.48 3.25 -16.86
C GLY A 76 -9.03 4.40 -17.69
N CYS A 77 -8.90 5.63 -17.19
CA CYS A 77 -9.47 6.78 -17.89
C CYS A 77 -8.42 7.53 -18.71
N TYR A 78 -8.92 8.36 -19.62
CA TYR A 78 -8.11 9.39 -20.27
C TYR A 78 -8.81 10.72 -20.10
N GLY A 79 -8.09 11.81 -20.34
CA GLY A 79 -8.69 13.13 -20.27
C GLY A 79 -8.02 14.04 -21.28
N VAL A 80 -8.83 14.85 -21.95
CA VAL A 80 -8.29 15.78 -22.94
C VAL A 80 -8.84 17.17 -22.69
N ILE A 81 -8.06 18.16 -23.11
CA ILE A 81 -8.43 19.55 -22.95
C ILE A 81 -8.14 20.28 -24.25
N ASP A 82 -9.17 20.90 -24.81
CA ASP A 82 -8.98 21.78 -25.96
C ASP A 82 -8.33 23.06 -25.48
N VAL A 83 -7.15 23.36 -25.98
CA VAL A 83 -6.39 24.49 -25.45
C VAL A 83 -7.11 25.81 -25.72
N ASP A 84 -7.64 25.97 -26.92
CA ASP A 84 -8.19 27.26 -27.32
C ASP A 84 -9.49 27.60 -26.60
N THR A 85 -10.29 26.59 -26.28
CA THR A 85 -11.60 26.81 -25.66
C THR A 85 -11.63 26.42 -24.19
N GLY A 86 -10.67 25.63 -23.75
CA GLY A 86 -10.68 25.07 -22.41
C GLY A 86 -11.63 23.91 -22.18
N LYS A 87 -12.31 23.47 -23.23
CA LYS A 87 -13.28 22.38 -23.12
CA LYS A 87 -13.27 22.38 -23.17
C LYS A 87 -12.60 21.08 -22.71
N SER A 88 -13.20 20.41 -21.74
CA SER A 88 -12.67 19.17 -21.18
C SER A 88 -13.51 17.95 -21.55
N THR A 89 -12.83 16.87 -21.92
CA THR A 89 -13.52 15.61 -22.19
C THR A 89 -12.85 14.48 -21.40
N LEU A 90 -13.65 13.78 -20.61
CA LEU A 90 -13.17 12.64 -19.86
C LEU A 90 -13.57 11.38 -20.61
N PHE A 91 -12.63 10.44 -20.74
CA PHE A 91 -12.92 9.14 -21.32
C PHE A 91 -12.88 8.11 -20.20
N VAL A 92 -13.97 7.36 -20.08
CA VAL A 92 -14.13 6.35 -19.04
C VAL A 92 -14.27 4.96 -19.67
N PRO A 93 -13.86 3.91 -18.94
CA PRO A 93 -14.01 2.56 -19.51
C PRO A 93 -15.46 2.16 -19.73
N ARG A 94 -15.73 1.49 -20.85
CA ARG A 94 -17.03 0.85 -21.08
C ARG A 94 -16.98 -0.50 -20.35
N LEU A 95 -17.74 -0.65 -19.26
CA LEU A 95 -17.56 -1.82 -18.37
C LEU A 95 -18.46 -3.00 -18.73
N PRO A 96 -17.99 -4.23 -18.43
CA PRO A 96 -18.77 -5.46 -18.66
C PRO A 96 -19.88 -5.61 -17.63
N ALA A 97 -20.94 -6.34 -17.98
CA ALA A 97 -22.08 -6.55 -17.07
C ALA A 97 -21.64 -7.17 -15.75
N SER A 98 -20.67 -8.07 -15.80
CA SER A 98 -20.21 -8.77 -14.60
C SER A 98 -19.61 -7.80 -13.58
N HIS A 99 -19.30 -6.57 -14.00
CA HIS A 99 -18.78 -5.57 -13.08
C HIS A 99 -19.80 -5.31 -11.97
N ALA A 100 -21.06 -5.40 -12.31
CA ALA A 100 -22.14 -5.06 -11.39
C ALA A 100 -22.19 -6.06 -10.24
N THR A 101 -21.76 -7.29 -10.52
CA THR A 101 -21.64 -8.32 -9.50
C THR A 101 -20.43 -8.12 -8.61
N TRP A 102 -19.27 -7.88 -9.22
CA TRP A 102 -18.02 -7.94 -8.47
C TRP A 102 -17.53 -6.60 -7.92
N MET A 103 -17.80 -5.53 -8.66
CA MET A 103 -17.12 -4.26 -8.40
C MET A 103 -18.06 -3.14 -8.00
N GLY A 104 -19.30 -3.16 -8.50
CA GLY A 104 -20.31 -2.18 -8.11
C GLY A 104 -21.12 -1.63 -9.26
N LYS A 105 -21.91 -0.59 -8.99
CA LYS A 105 -22.83 -0.07 -9.99
C LYS A 105 -22.07 0.39 -11.24
N ILE A 106 -22.67 0.15 -12.41
CA ILE A 106 -22.12 0.62 -13.67
C ILE A 106 -22.74 1.98 -14.00
N HIS A 107 -21.98 3.03 -13.71
CA HIS A 107 -22.45 4.40 -13.87
C HIS A 107 -22.50 4.82 -15.33
N SER A 108 -23.47 5.67 -15.64
CA SER A 108 -23.60 6.28 -16.95
C SER A 108 -22.53 7.34 -17.20
N LYS A 109 -22.32 7.67 -18.47
CA LYS A 109 -21.44 8.76 -18.85
C LYS A 109 -21.93 10.07 -18.23
N GLU A 110 -23.24 10.25 -18.19
CA GLU A 110 -23.82 11.45 -17.59
C GLU A 110 -23.50 11.54 -16.10
N HIS A 111 -23.47 10.40 -15.41
CA HIS A 111 -23.06 10.38 -14.00
C HIS A 111 -21.68 10.97 -13.85
N PHE A 112 -20.74 10.52 -14.67
CA PHE A 112 -19.37 11.01 -14.57
C PHE A 112 -19.25 12.48 -14.95
N LYS A 113 -20.06 12.92 -15.91
CA LYS A 113 -20.05 14.31 -16.34
C LYS A 113 -20.43 15.20 -15.16
N GLU A 114 -21.49 14.83 -14.47
CA GLU A 114 -21.96 15.57 -13.31
C GLU A 114 -20.95 15.49 -12.18
N LYS A 115 -20.41 14.30 -11.95
CA LYS A 115 -19.50 14.05 -10.84
C LYS A 115 -18.24 14.89 -10.94
N TYR A 116 -17.71 15.02 -12.15
CA TYR A 116 -16.40 15.67 -12.33
C TYR A 116 -16.48 17.06 -12.93
N ALA A 117 -17.70 17.49 -13.28
CA ALA A 117 -17.97 18.80 -13.83
C ALA A 117 -17.07 19.10 -15.05
N VAL A 118 -16.98 18.12 -15.95
CA VAL A 118 -16.30 18.27 -17.22
C VAL A 118 -17.35 18.57 -18.29
N ASP A 119 -16.91 18.96 -19.48
CA ASP A 119 -17.83 19.39 -20.54
C ASP A 119 -18.44 18.22 -21.28
N ASP A 120 -17.71 17.11 -21.32
CA ASP A 120 -18.20 15.94 -22.05
C ASP A 120 -17.57 14.68 -21.48
N VAL A 121 -18.29 13.57 -21.61
CA VAL A 121 -17.77 12.25 -21.26
C VAL A 121 -18.02 11.28 -22.39
N GLN A 122 -17.00 10.49 -22.72
CA GLN A 122 -17.08 9.49 -23.77
C GLN A 122 -16.44 8.21 -23.28
N TYR A 123 -16.64 7.10 -23.99
CA TYR A 123 -15.94 5.86 -23.65
C TYR A 123 -14.53 5.81 -24.22
N VAL A 124 -13.63 5.16 -23.49
CA VAL A 124 -12.23 5.04 -23.86
C VAL A 124 -12.05 4.43 -25.25
N ASP A 125 -12.88 3.44 -25.60
CA ASP A 125 -12.71 2.78 -26.89
C ASP A 125 -13.07 3.71 -28.06
N GLU A 126 -13.65 4.87 -27.77
CA GLU A 126 -13.96 5.84 -28.82
C GLU A 126 -13.00 7.02 -28.91
N ILE A 127 -11.89 6.98 -28.18
CA ILE A 127 -11.06 8.17 -28.09
C ILE A 127 -10.51 8.58 -29.46
N ALA A 128 -10.05 7.63 -30.28
CA ALA A 128 -9.53 7.98 -31.61
C ALA A 128 -10.62 8.62 -32.49
N SER A 129 -11.82 8.04 -32.47
CA SER A 129 -12.91 8.59 -33.25
C SER A 129 -13.30 10.00 -32.81
N VAL A 130 -13.38 10.20 -31.51
CA VAL A 130 -13.76 11.50 -30.96
C VAL A 130 -12.74 12.58 -31.29
N LEU A 131 -11.47 12.27 -31.06
CA LEU A 131 -10.43 13.25 -31.34
C LEU A 131 -10.33 13.54 -32.82
N THR A 132 -10.55 12.51 -33.64
CA THR A 132 -10.54 12.73 -35.08
C THR A 132 -11.60 13.76 -35.49
N SER A 133 -12.80 13.63 -34.90
CA SER A 133 -13.91 14.49 -35.25
CA SER A 133 -13.91 14.49 -35.26
C SER A 133 -13.66 15.94 -34.85
N GLN A 134 -12.77 16.14 -33.89
CA GLN A 134 -12.46 17.48 -33.41
C GLN A 134 -11.39 18.16 -34.28
N LYS A 135 -10.76 17.40 -35.17
CA LYS A 135 -9.80 17.92 -36.13
C LYS A 135 -8.71 18.81 -35.50
N PRO A 136 -7.97 18.24 -34.53
CA PRO A 136 -6.89 18.97 -33.87
C PRO A 136 -5.70 19.21 -34.78
N SER A 137 -4.95 20.27 -34.52
CA SER A 137 -3.71 20.47 -35.24
C SER A 137 -2.68 19.49 -34.70
N VAL A 138 -2.57 19.45 -33.38
CA VAL A 138 -1.57 18.62 -32.71
C VAL A 138 -2.09 18.17 -31.37
N LEU A 139 -1.72 16.95 -30.98
CA LEU A 139 -1.96 16.44 -29.65
C LEU A 139 -0.73 16.73 -28.79
N LEU A 140 -0.95 17.37 -27.64
CA LEU A 140 0.13 17.68 -26.69
C LEU A 140 0.13 16.64 -25.61
N THR A 141 1.17 15.81 -25.58
CA THR A 141 1.29 14.75 -24.58
C THR A 141 2.43 15.05 -23.62
N LEU A 142 2.44 14.28 -22.54
CA LEU A 142 3.31 14.48 -21.40
C LEU A 142 4.55 13.63 -21.48
N ARG A 143 5.72 14.28 -21.55
CA ARG A 143 7.00 13.58 -21.49
C ARG A 143 8.04 14.55 -20.96
N GLY A 144 8.76 14.10 -19.94
CA GLY A 144 9.78 14.94 -19.32
C GLY A 144 10.46 14.13 -18.24
N VAL A 145 11.41 14.76 -17.55
CA VAL A 145 12.18 14.07 -16.54
C VAL A 145 11.84 14.60 -15.15
N ASN A 146 11.44 13.72 -14.26
CA ASN A 146 11.28 14.07 -12.86
C ASN A 146 12.65 14.19 -12.23
N THR A 147 12.93 15.30 -11.57
CA THR A 147 14.30 15.59 -11.13
C THR A 147 14.63 15.02 -9.74
N ASP A 148 13.67 14.34 -9.11
CA ASP A 148 13.91 13.60 -7.88
C ASP A 148 14.10 12.09 -8.15
N SER A 149 13.30 11.53 -9.06
CA SER A 149 13.43 10.11 -9.37
C SER A 149 14.33 9.82 -10.56
N GLY A 150 14.44 10.79 -11.45
CA GLY A 150 15.13 10.62 -12.73
C GLY A 150 14.29 9.87 -13.76
N SER A 151 13.06 9.53 -13.40
CA SER A 151 12.16 8.81 -14.30
C SER A 151 11.60 9.72 -15.38
N VAL A 152 11.26 9.12 -16.52
CA VAL A 152 10.60 9.85 -17.60
C VAL A 152 9.09 9.67 -17.50
N CYS A 153 8.36 10.79 -17.50
CA CYS A 153 6.91 10.74 -17.46
C CYS A 153 6.38 9.92 -18.62
N ARG A 154 5.34 9.12 -18.34
CA ARG A 154 4.75 8.25 -19.35
CA ARG A 154 4.72 8.24 -19.33
C ARG A 154 3.74 9.02 -20.19
N GLU A 155 4.06 9.10 -21.48
CA GLU A 155 3.26 9.75 -22.49
C GLU A 155 1.97 8.97 -22.77
N ALA A 156 0.84 9.67 -22.92
CA ALA A 156 -0.39 9.00 -23.33
C ALA A 156 -0.24 8.29 -24.67
N SER A 157 -0.91 7.15 -24.79
CA SER A 157 -0.99 6.45 -26.06
C SER A 157 -2.34 5.77 -26.14
N PHE A 158 -2.86 5.64 -27.36
CA PHE A 158 -4.08 4.88 -27.60
C PHE A 158 -4.00 4.34 -29.02
N ASP A 159 -4.78 3.30 -29.31
CA ASP A 159 -4.77 2.74 -30.65
CA ASP A 159 -4.78 2.74 -30.65
C ASP A 159 -5.30 3.77 -31.64
N GLY A 160 -4.49 4.10 -32.63
CA GLY A 160 -4.84 5.09 -33.63
C GLY A 160 -4.12 6.42 -33.43
N ILE A 161 -3.34 6.55 -32.35
CA ILE A 161 -2.69 7.82 -32.07
C ILE A 161 -1.64 8.14 -33.14
N SER A 162 -1.16 7.09 -33.81
CA SER A 162 -0.16 7.25 -34.87
C SER A 162 -0.67 8.08 -36.04
N LYS A 163 -1.99 8.21 -36.15
CA LYS A 163 -2.59 8.98 -37.23
C LYS A 163 -2.63 10.48 -36.94
N PHE A 164 -2.25 10.87 -35.73
CA PHE A 164 -2.22 12.27 -35.34
C PHE A 164 -0.81 12.84 -35.33
N GLU A 165 -0.72 14.16 -35.44
CA GLU A 165 0.52 14.86 -35.12
C GLU A 165 0.60 15.00 -33.62
N VAL A 166 1.68 14.50 -33.04
CA VAL A 166 1.85 14.51 -31.58
C VAL A 166 3.13 15.26 -31.22
N ASN A 167 3.01 16.17 -30.26
CA ASN A 167 4.15 16.86 -29.70
C ASN A 167 4.28 16.45 -28.25
N ASN A 168 5.46 16.01 -27.84
CA ASN A 168 5.64 15.56 -26.45
C ASN A 168 6.67 16.36 -25.70
N THR A 169 7.01 17.56 -26.18
CA THR A 169 8.00 18.40 -25.51
C THR A 169 7.42 19.63 -24.83
N ILE A 170 6.38 20.21 -25.42
CA ILE A 170 5.84 21.48 -24.94
C ILE A 170 5.15 21.37 -23.58
N LEU A 171 4.35 20.33 -23.40
CA LEU A 171 3.43 20.32 -22.27
C LEU A 171 4.11 20.23 -20.91
N HIS A 172 5.07 19.32 -20.78
CA HIS A 172 5.62 19.00 -19.46
C HIS A 172 6.12 20.25 -18.69
N PRO A 173 6.96 21.09 -19.32
CA PRO A 173 7.42 22.23 -18.50
C PRO A 173 6.28 23.19 -18.09
N GLU A 174 5.25 23.26 -18.91
CA GLU A 174 4.15 24.17 -18.65
C GLU A 174 3.23 23.65 -17.55
N ILE A 175 2.86 22.38 -17.61
CA ILE A 175 2.00 21.84 -16.57
C ILE A 175 2.78 21.71 -15.25
N VAL A 176 4.07 21.44 -15.32
CA VAL A 176 4.91 21.44 -14.11
C VAL A 176 4.88 22.84 -13.48
N GLU A 177 5.06 23.89 -14.28
CA GLU A 177 5.07 25.22 -13.71
C GLU A 177 3.73 25.57 -13.07
N CYS A 178 2.62 25.14 -13.67
CA CYS A 178 1.32 25.38 -13.05
C CYS A 178 1.24 24.70 -11.69
N ARG A 179 1.75 23.48 -11.59
CA ARG A 179 1.70 22.74 -10.34
C ARG A 179 2.53 23.38 -9.23
N VAL A 180 3.58 24.08 -9.61
CA VAL A 180 4.47 24.74 -8.65
C VAL A 180 3.74 25.82 -7.84
N PHE A 181 2.75 26.46 -8.46
CA PHE A 181 2.04 27.58 -7.83
C PHE A 181 0.65 27.10 -7.42
N LYS A 182 0.36 27.08 -6.13
CA LYS A 182 -0.89 26.51 -5.65
C LYS A 182 -2.01 27.55 -5.66
N THR A 183 -3.18 27.11 -6.09
CA THR A 183 -4.38 27.96 -6.04
C THR A 183 -4.92 28.02 -4.64
N ASP A 184 -5.80 28.99 -4.36
CA ASP A 184 -6.39 29.06 -3.04
C ASP A 184 -7.15 27.78 -2.71
N MET A 185 -7.81 27.18 -3.72
CA MET A 185 -8.51 25.94 -3.47
C MET A 185 -7.55 24.81 -3.10
N GLU A 186 -6.40 24.72 -3.76
CA GLU A 186 -5.42 23.73 -3.39
C GLU A 186 -4.88 23.98 -1.98
N LEU A 187 -4.65 25.25 -1.63
CA LEU A 187 -4.14 25.55 -0.31
C LEU A 187 -5.11 25.13 0.77
N GLU A 188 -6.42 25.21 0.51
CA GLU A 188 -7.40 24.76 1.48
C GLU A 188 -7.21 23.29 1.78
N VAL A 189 -6.88 22.49 0.77
CA VAL A 189 -6.68 21.06 1.02
C VAL A 189 -5.41 20.85 1.84
N LEU A 190 -4.35 21.59 1.53
CA LEU A 190 -3.10 21.44 2.25
C LEU A 190 -3.21 21.99 3.69
N ARG A 191 -4.09 22.95 3.94
CA ARG A 191 -4.35 23.35 5.31
C ARG A 191 -5.02 22.22 6.08
N TYR A 192 -5.94 21.52 5.42
CA TYR A 192 -6.65 20.41 6.02
C TYR A 192 -5.73 19.22 6.31
N THR A 193 -4.92 18.81 5.33
CA THR A 193 -4.00 17.68 5.56
C THR A 193 -3.05 18.04 6.72
N ASN A 194 -2.59 19.28 6.75
CA ASN A 194 -1.74 19.69 7.86
C ASN A 194 -2.47 19.68 9.19
N LYS A 195 -3.74 20.07 9.21
CA LYS A 195 -4.53 19.99 10.42
C LYS A 195 -4.61 18.55 10.92
N ILE A 196 -5.00 17.62 10.04
CA ILE A 196 -5.17 16.25 10.46
C ILE A 196 -3.83 15.67 10.93
N PHE A 197 -2.77 15.91 10.16
CA PHE A 197 -1.48 15.34 10.52
C PHE A 197 -0.94 15.97 11.79
N SER A 198 -1.21 17.25 11.98
CA SER A 198 -0.79 17.93 13.20
C SER A 198 -1.50 17.30 14.39
N GLU A 199 -2.81 17.06 14.27
CA GLU A 199 -3.56 16.38 15.33
C GLU A 199 -2.99 14.98 15.62
N ALA A 200 -2.69 14.24 14.55
CA ALA A 200 -2.21 12.87 14.71
C ALA A 200 -0.81 12.84 15.35
N HIS A 201 0.05 13.79 15.00
CA HIS A 201 1.37 13.90 15.64
C HIS A 201 1.23 14.16 17.13
N ARG A 202 0.28 15.00 17.49
CA ARG A 202 0.00 15.27 18.89
C ARG A 202 -0.48 14.01 19.61
N GLU A 203 -1.33 13.21 18.97
CA GLU A 203 -1.81 11.97 19.59
C GLU A 203 -0.68 10.97 19.79
N VAL A 204 0.24 10.91 18.83
CA VAL A 204 1.39 10.04 18.95
C VAL A 204 2.31 10.49 20.11
N MET A 205 2.57 11.79 20.22
CA MET A 205 3.38 12.27 21.33
C MET A 205 2.74 11.94 22.69
N LYS A 206 1.41 11.97 22.76
CA LYS A 206 0.67 11.63 23.94
C LYS A 206 0.68 10.15 24.29
N ALA A 207 0.75 9.31 23.26
CA ALA A 207 0.60 7.87 23.44
C ALA A 207 1.92 7.15 23.65
N VAL A 208 3.02 7.75 23.21
CA VAL A 208 4.32 7.10 23.24
CA VAL A 208 4.28 7.04 23.21
C VAL A 208 4.67 6.68 24.65
N LYS A 209 5.09 5.44 24.80
CA LYS A 209 5.57 4.91 26.05
C LYS A 209 6.84 4.13 25.75
N VAL A 210 7.80 4.24 26.65
CA VAL A 210 8.98 3.41 26.59
C VAL A 210 8.54 1.95 26.56
N GLY A 211 9.17 1.16 25.69
CA GLY A 211 8.86 -0.24 25.54
C GLY A 211 8.03 -0.57 24.31
N MET A 212 7.37 0.44 23.73
CA MET A 212 6.61 0.25 22.49
C MET A 212 7.58 0.06 21.32
N LYS A 213 7.13 -0.66 20.30
CA LYS A 213 7.78 -0.68 19.01
C LYS A 213 7.47 0.56 18.20
N GLU A 214 8.44 1.03 17.43
CA GLU A 214 8.24 2.15 16.53
C GLU A 214 6.96 2.00 15.70
N TYR A 215 6.73 0.80 15.18
CA TYR A 215 5.59 0.60 14.27
C TYR A 215 4.26 0.73 14.98
N GLU A 216 4.23 0.55 16.30
CA GLU A 216 2.99 0.76 17.03
C GLU A 216 2.53 2.20 16.91
N LEU A 217 3.49 3.13 16.90
CA LEU A 217 3.14 4.54 16.75
C LEU A 217 2.81 4.91 15.32
N GLU A 218 3.51 4.31 14.37
CA GLU A 218 3.17 4.44 12.96
C GLU A 218 1.70 4.03 12.76
N SER A 219 1.34 2.88 13.31
CA SER A 219 -0.01 2.35 13.17
C SER A 219 -1.04 3.30 13.76
N LEU A 220 -0.79 3.82 14.96
CA LEU A 220 -1.72 4.75 15.57
C LEU A 220 -1.91 6.01 14.74
N PHE A 221 -0.81 6.57 14.25
CA PHE A 221 -0.87 7.74 13.39
C PHE A 221 -1.73 7.49 12.16
N GLU A 222 -1.49 6.38 11.48
CA GLU A 222 -2.23 6.06 10.27
C GLU A 222 -3.72 5.85 10.57
N HIS A 223 -4.02 5.23 11.71
CA HIS A 223 -5.40 5.02 12.11
C HIS A 223 -6.11 6.33 12.37
N TYR A 224 -5.46 7.27 13.05
CA TYR A 224 -6.07 8.56 13.26
C TYR A 224 -6.35 9.22 11.91
N CYS A 225 -5.35 9.22 11.05
CA CYS A 225 -5.51 9.93 9.78
C CYS A 225 -6.59 9.32 8.88
N TYR A 226 -6.71 8.01 8.85
CA TYR A 226 -7.74 7.36 8.02
C TYR A 226 -9.11 7.53 8.66
N SER A 227 -9.24 7.08 9.91
CA SER A 227 -10.56 7.06 10.52
C SER A 227 -11.11 8.46 10.75
N ARG A 228 -10.26 9.43 11.08
CA ARG A 228 -10.75 10.78 11.37
C ARG A 228 -10.55 11.74 10.21
N GLY A 229 -9.58 11.47 9.36
CA GLY A 229 -9.27 12.40 8.28
C GLY A 229 -9.63 11.91 6.90
N GLY A 230 -9.99 10.63 6.79
CA GLY A 230 -10.30 10.05 5.50
C GLY A 230 -9.08 9.85 4.63
N MET A 231 -7.91 9.82 5.25
CA MET A 231 -6.68 9.69 4.48
C MET A 231 -6.35 8.19 4.37
N ARG A 232 -6.72 7.59 3.23
CA ARG A 232 -6.53 6.15 3.00
C ARG A 232 -5.12 5.81 2.47
N HIS A 233 -4.68 6.55 1.46
CA HIS A 233 -3.42 6.24 0.78
C HIS A 233 -2.24 6.85 1.53
N SER A 234 -1.09 6.19 1.47
CA SER A 234 0.15 6.77 1.97
C SER A 234 0.87 7.48 0.83
N SER A 235 1.36 8.71 1.11
CA SER A 235 2.13 9.60 0.19
C SER A 235 3.64 9.31 0.34
N TYR A 236 4.00 8.54 1.37
CA TYR A 236 5.33 7.96 1.53
C TYR A 236 5.38 7.08 2.77
N THR A 237 6.33 6.16 2.79
CA THR A 237 6.46 5.22 3.90
C THR A 237 6.92 5.99 5.14
N CYS A 238 6.13 5.91 6.20
CA CYS A 238 6.38 6.62 7.44
C CYS A 238 7.71 6.27 8.11
N ILE A 239 8.36 7.29 8.65
CA ILE A 239 9.63 7.16 9.33
C ILE A 239 9.42 7.34 10.83
N CYS A 240 9.49 6.26 11.60
CA CYS A 240 9.38 6.35 13.05
C CYS A 240 10.69 5.90 13.64
N GLY A 241 11.66 6.81 13.67
CA GLY A 241 13.01 6.44 14.02
C GLY A 241 13.32 6.75 15.47
N SER A 242 13.56 5.71 16.26
CA SER A 242 13.92 5.89 17.66
C SER A 242 15.38 5.60 17.87
N GLY A 243 15.97 6.29 18.83
CA GLY A 243 17.38 6.09 19.15
C GLY A 243 18.24 6.36 17.95
N GLU A 244 19.23 5.49 17.74
CA GLU A 244 20.17 5.71 16.65
C GLU A 244 19.48 5.69 15.29
N ASN A 245 18.27 5.12 15.21
CA ASN A 245 17.56 5.12 13.94
C ASN A 245 17.11 6.50 13.48
N SER A 246 17.09 7.48 14.40
CA SER A 246 16.74 8.83 13.99
C SER A 246 17.85 9.50 13.18
N ALA A 247 19.02 8.87 13.08
CA ALA A 247 20.08 9.34 12.18
C ALA A 247 19.97 8.76 10.77
N VAL A 248 19.04 7.84 10.55
CA VAL A 248 18.85 7.20 9.24
C VAL A 248 17.73 7.94 8.50
N LEU A 249 18.06 8.69 7.45
CA LEU A 249 17.16 9.74 6.97
C LEU A 249 15.80 9.28 6.42
N HIS A 250 15.80 8.16 5.71
CA HIS A 250 14.56 7.55 5.19
C HIS A 250 14.36 6.16 5.83
N TYR A 251 14.70 6.04 7.10
CA TYR A 251 14.41 4.86 7.90
C TYR A 251 12.94 4.42 7.72
N GLY A 252 12.64 3.13 7.82
CA GLY A 252 11.25 2.70 7.90
C GLY A 252 10.76 1.87 6.72
N HIS A 253 11.59 1.81 5.68
CA HIS A 253 11.32 1.01 4.50
C HIS A 253 11.44 -0.48 4.82
N ALA A 254 11.17 -1.32 3.84
CA ALA A 254 11.18 -2.78 4.01
C ALA A 254 12.48 -3.31 4.62
N GLY A 255 13.59 -2.66 4.28
CA GLY A 255 14.91 -3.04 4.78
C GLY A 255 15.15 -2.66 6.23
N ALA A 256 14.36 -1.73 6.74
CA ALA A 256 14.50 -1.22 8.11
C ALA A 256 13.13 -0.81 8.67
N PRO A 257 12.22 -1.78 8.87
CA PRO A 257 10.76 -1.55 8.93
C PRO A 257 10.19 -1.16 10.32
N ASN A 258 10.85 -0.19 10.94
CA ASN A 258 10.35 0.37 12.17
C ASN A 258 10.05 -0.69 13.27
N ASP A 259 10.96 -1.65 13.52
CA ASP A 259 10.72 -2.63 14.59
C ASP A 259 11.70 -2.55 15.76
N ARG A 260 12.25 -1.36 15.99
CA ARG A 260 13.06 -1.17 17.20
C ARG A 260 12.18 -0.82 18.39
N THR A 261 12.53 -1.35 19.55
CA THR A 261 11.86 -1.01 20.81
C THR A 261 12.34 0.36 21.29
N ILE A 262 11.39 1.24 21.58
CA ILE A 262 11.72 2.58 22.08
C ILE A 262 12.20 2.45 23.52
N GLN A 263 13.35 3.04 23.81
CA GLN A 263 13.99 2.89 25.11
C GLN A 263 14.02 4.21 25.84
N ASN A 264 14.04 4.09 27.16
CA ASN A 264 14.28 5.24 28.00
C ASN A 264 15.58 5.92 27.58
N GLY A 265 15.52 7.22 27.38
CA GLY A 265 16.65 8.00 26.94
C GLY A 265 16.73 8.29 25.45
N ASP A 266 15.95 7.57 24.66
CA ASP A 266 15.94 7.78 23.23
C ASP A 266 15.39 9.11 22.85
N MET A 267 15.93 9.63 21.75
CA MET A 267 15.25 10.65 20.98
CA MET A 267 15.30 10.66 21.00
C MET A 267 14.43 9.94 19.92
N CYS A 268 13.25 10.45 19.66
CA CYS A 268 12.39 9.94 18.60
C CYS A 268 12.31 10.98 17.50
N LEU A 269 12.35 10.53 16.25
CA LEU A 269 12.19 11.40 15.11
C LEU A 269 11.09 10.77 14.28
N PHE A 270 9.91 11.37 14.30
N PHE A 270 9.95 11.45 14.25
CA PHE A 270 8.75 10.82 13.62
CA PHE A 270 8.68 10.98 13.69
C PHE A 270 8.34 11.71 12.47
C PHE A 270 8.33 11.77 12.43
N ASP A 271 8.62 11.20 11.27
CA ASP A 271 8.40 11.89 10.01
C ASP A 271 7.22 11.21 9.37
N MET A 272 6.05 11.81 9.52
N MET A 272 6.07 11.85 9.47
CA MET A 272 4.83 11.12 9.15
CA MET A 272 4.80 11.27 8.94
C MET A 272 3.84 12.06 8.55
C MET A 272 3.94 12.40 8.38
N GLY A 273 3.25 11.56 7.47
N GLY A 273 4.03 11.32 6.83
CA GLY A 273 2.49 12.32 6.51
CA GLY A 273 2.99 12.07 6.13
C GLY A 273 1.58 11.39 5.73
C GLY A 273 2.15 11.18 5.23
N GLY A 274 1.19 11.81 4.54
CA GLY A 274 0.21 11.07 3.76
C GLY A 274 -0.47 12.04 2.82
N GLU A 275 -1.68 11.70 2.41
CA GLU A 275 -2.41 12.53 1.46
C GLU A 275 -3.91 12.38 1.64
N TYR A 276 -4.62 13.44 1.25
CA TYR A 276 -6.06 13.45 1.14
C TYR A 276 -6.41 13.77 -0.29
N TYR A 277 -7.13 12.86 -0.96
CA TYR A 277 -7.53 13.08 -2.34
C TYR A 277 -6.32 13.50 -3.16
N CYS A 278 -5.21 12.78 -2.94
CA CYS A 278 -3.95 12.96 -3.65
C CYS A 278 -3.27 14.31 -3.43
N PHE A 279 -3.62 14.99 -2.35
CA PHE A 279 -2.84 16.17 -1.94
C PHE A 279 -2.02 15.81 -0.71
N ALA A 280 -0.69 15.95 -0.82
CA ALA A 280 0.19 15.42 0.21
C ALA A 280 0.48 16.41 1.30
N SER A 281 0.90 15.93 2.46
CA SER A 281 1.62 16.78 3.40
C SER A 281 2.65 15.93 4.12
N ASP A 282 3.61 16.61 4.73
CA ASP A 282 4.83 15.99 5.17
C ASP A 282 5.30 16.77 6.41
N ILE A 283 5.21 16.18 7.60
CA ILE A 283 5.55 16.84 8.86
C ILE A 283 6.47 15.95 9.68
N THR A 284 7.45 16.53 10.34
CA THR A 284 8.35 15.80 11.22
C THR A 284 8.38 16.47 12.57
N CYS A 285 8.22 15.64 13.60
CA CYS A 285 8.33 16.03 15.01
C CYS A 285 9.44 15.22 15.65
N SER A 286 10.23 15.86 16.52
CA SER A 286 11.26 15.18 17.28
C SER A 286 10.99 15.40 18.75
N PHE A 287 11.22 14.38 19.57
CA PHE A 287 10.89 14.45 20.98
C PHE A 287 11.54 13.33 21.75
N PRO A 288 11.77 13.55 23.05
CA PRO A 288 12.36 12.50 23.89
C PRO A 288 11.33 11.43 24.18
N ALA A 289 11.71 10.16 24.03
CA ALA A 289 10.77 9.07 24.28
C ALA A 289 10.13 9.13 25.66
N ASN A 290 10.90 9.54 26.66
CA ASN A 290 10.41 9.52 28.05
C ASN A 290 9.78 10.84 28.48
N GLY A 291 9.60 11.77 27.52
CA GLY A 291 8.88 13.00 27.78
C GLY A 291 9.68 14.14 28.43
N LYS A 292 10.98 13.93 28.66
CA LYS A 292 11.81 14.96 29.28
C LYS A 292 13.13 15.05 28.53
N PHE A 293 13.41 16.22 27.98
CA PHE A 293 14.69 16.44 27.29
C PHE A 293 15.84 16.43 28.30
N THR A 294 16.90 15.69 28.00
CA THR A 294 18.16 15.88 28.72
C THR A 294 18.82 17.17 28.27
N ALA A 295 19.87 17.59 28.98
CA ALA A 295 20.59 18.78 28.53
C ALA A 295 21.15 18.64 27.11
N ASP A 296 21.72 17.50 26.79
CA ASP A 296 22.26 17.26 25.45
C ASP A 296 21.14 17.28 24.41
N GLN A 297 20.02 16.64 24.71
CA GLN A 297 18.91 16.62 23.79
C GLN A 297 18.33 18.00 23.58
N LYS A 298 18.21 18.76 24.66
CA LYS A 298 17.69 20.12 24.55
C LYS A 298 18.59 20.98 23.66
N ALA A 299 19.90 20.82 23.83
CA ALA A 299 20.84 21.63 23.07
C ALA A 299 20.75 21.32 21.58
N VAL A 300 20.75 20.04 21.22
CA VAL A 300 20.66 19.69 19.80
C VAL A 300 19.29 20.12 19.26
N TYR A 301 18.24 19.81 19.99
CA TYR A 301 16.91 20.15 19.54
C TYR A 301 16.74 21.65 19.32
N GLU A 302 17.16 22.47 20.29
CA GLU A 302 16.97 23.90 20.17
C GLU A 302 17.84 24.52 19.07
N ALA A 303 18.92 23.85 18.69
CA ALA A 303 19.70 24.28 17.53
C ALA A 303 18.89 24.18 16.26
N VAL A 304 18.16 23.08 16.10
CA VAL A 304 17.32 22.88 14.92
C VAL A 304 16.08 23.79 14.99
N LEU A 305 15.54 24.00 16.18
CA LEU A 305 14.44 24.96 16.33
C LEU A 305 14.91 26.34 15.87
N ARG A 306 16.13 26.70 16.24
CA ARG A 306 16.69 27.99 15.87
C ARG A 306 16.79 28.12 14.36
N SER A 307 17.36 27.11 13.68
CA SER A 307 17.47 27.22 12.24
C SER A 307 16.11 27.19 11.56
N SER A 308 15.18 26.35 12.06
CA SER A 308 13.83 26.33 11.55
C SER A 308 13.19 27.72 11.53
N ARG A 309 13.27 28.39 12.66
CA ARG A 309 12.60 29.67 12.76
C ARG A 309 13.36 30.80 12.08
N ALA A 310 14.69 30.71 12.01
CA ALA A 310 15.47 31.71 11.29
C ALA A 310 15.15 31.61 9.79
N VAL A 311 15.07 30.39 9.28
CA VAL A 311 14.72 30.22 7.88
C VAL A 311 13.28 30.72 7.63
N MET A 312 12.32 30.28 8.44
CA MET A 312 10.95 30.75 8.23
C MET A 312 10.85 32.26 8.32
N GLY A 313 11.62 32.87 9.22
CA GLY A 313 11.55 34.31 9.42
C GLY A 313 12.18 35.08 8.27
N ALA A 314 13.06 34.44 7.52
CA ALA A 314 13.73 35.06 6.37
C ALA A 314 13.00 34.81 5.04
N MET A 315 12.17 33.79 4.97
CA MET A 315 11.51 33.44 3.72
C MET A 315 10.49 34.49 3.26
N LYS A 316 10.63 34.87 2.01
CA LYS A 316 9.74 35.81 1.34
C LYS A 316 10.10 35.78 -0.14
N PRO A 317 9.26 36.40 -0.98
CA PRO A 317 9.59 36.38 -2.40
C PRO A 317 10.96 36.95 -2.70
N GLY A 318 11.67 36.28 -3.61
CA GLY A 318 12.98 36.71 -4.05
C GLY A 318 14.14 36.06 -3.32
N VAL A 319 13.85 35.41 -2.19
CA VAL A 319 14.89 34.73 -1.43
C VAL A 319 15.34 33.50 -2.22
N TRP A 320 16.65 33.29 -2.29
CA TRP A 320 17.23 32.14 -2.98
C TRP A 320 17.27 30.92 -2.06
N TRP A 321 16.62 29.81 -2.44
CA TRP A 321 16.50 28.70 -1.49
C TRP A 321 17.87 28.16 -1.05
N PRO A 322 18.86 28.07 -1.94
CA PRO A 322 20.18 27.67 -1.44
C PRO A 322 20.75 28.58 -0.34
N ASP A 323 20.42 29.87 -0.34
CA ASP A 323 20.89 30.76 0.75
C ASP A 323 20.23 30.34 2.08
N MET A 324 18.98 29.86 2.04
CA MET A 324 18.34 29.39 3.27
C MET A 324 19.01 28.12 3.78
N HIS A 325 19.36 27.23 2.86
CA HIS A 325 20.09 26.02 3.24
C HIS A 325 21.42 26.37 3.93
N ARG A 326 22.20 27.31 3.37
CA ARG A 326 23.45 27.75 3.97
CA ARG A 326 23.46 27.64 4.02
C ARG A 326 23.24 28.47 5.30
N LEU A 327 22.13 29.19 5.41
CA LEU A 327 21.79 29.84 6.68
C LEU A 327 21.60 28.80 7.78
N ALA A 328 20.84 27.74 7.46
CA ALA A 328 20.65 26.65 8.40
C ALA A 328 21.98 26.00 8.77
N ASP A 329 22.84 25.74 7.79
CA ASP A 329 24.17 25.20 8.06
C ASP A 329 24.92 26.08 9.06
N ARG A 330 24.95 27.39 8.83
CA ARG A 330 25.73 28.27 9.67
C ARG A 330 25.21 28.24 11.12
N ILE A 331 23.90 28.26 11.27
CA ILE A 331 23.29 28.24 12.58
C ILE A 331 23.61 26.94 13.29
N HIS A 332 23.50 25.80 12.59
CA HIS A 332 23.84 24.52 13.20
C HIS A 332 25.27 24.53 13.70
N LEU A 333 26.18 25.03 12.88
CA LEU A 333 27.60 25.06 13.25
C LEU A 333 27.83 25.98 14.47
N GLU A 334 27.18 27.14 14.50
CA GLU A 334 27.28 28.03 15.65
C GLU A 334 26.83 27.32 16.91
N GLU A 335 25.72 26.61 16.83
CA GLU A 335 25.13 25.97 18.00
C GLU A 335 25.94 24.78 18.45
N LEU A 336 26.45 24.00 17.50
CA LEU A 336 27.33 22.88 17.82
C LEU A 336 28.65 23.37 18.43
N ALA A 337 29.12 24.54 18.02
CA ALA A 337 30.30 25.12 18.64
C ALA A 337 29.97 25.61 20.07
N HIS A 338 28.81 26.21 20.29
CA HIS A 338 28.42 26.62 21.64
C HIS A 338 28.33 25.42 22.58
N MET A 339 27.90 24.27 22.07
CA MET A 339 27.81 23.02 22.82
CA MET A 339 27.79 23.05 22.84
C MET A 339 29.13 22.39 23.14
N GLY A 340 30.18 22.83 22.44
CA GLY A 340 31.52 22.29 22.60
C GLY A 340 31.86 21.12 21.68
N ILE A 341 30.92 20.74 20.81
CA ILE A 341 31.22 19.66 19.84
C ILE A 341 32.24 20.16 18.81
N LEU A 342 32.15 21.45 18.49
CA LEU A 342 33.03 22.11 17.54
C LEU A 342 33.79 23.24 18.20
N SER A 343 34.96 23.55 17.65
CA SER A 343 35.75 24.71 18.02
C SER A 343 36.32 25.36 16.80
N GLY A 344 36.53 26.66 16.90
CA GLY A 344 37.19 27.40 15.84
C GLY A 344 36.31 28.38 15.12
N SER A 345 36.79 28.84 13.97
CA SER A 345 36.10 29.84 13.18
C SER A 345 34.92 29.23 12.44
N VAL A 346 33.71 29.71 12.71
CA VAL A 346 32.53 29.20 11.99
C VAL A 346 32.63 29.56 10.51
N ASP A 347 33.20 30.72 10.19
CA ASP A 347 33.43 31.05 8.79
C ASP A 347 34.26 29.96 8.11
N ALA A 348 35.32 29.50 8.78
CA ALA A 348 36.18 28.47 8.19
C ALA A 348 35.43 27.14 8.10
N MET A 349 34.59 26.87 9.08
CA MET A 349 33.78 25.64 9.05
C MET A 349 32.87 25.62 7.84
N VAL A 350 32.21 26.75 7.59
CA VAL A 350 31.35 26.89 6.42
C VAL A 350 32.13 26.71 5.12
N GLN A 351 33.33 27.29 5.05
CA GLN A 351 34.13 27.17 3.85
C GLN A 351 34.53 25.73 3.57
N ALA A 352 34.66 24.94 4.64
CA ALA A 352 35.02 23.52 4.55
C ALA A 352 33.79 22.60 4.42
N HIS A 353 32.61 23.20 4.26
CA HIS A 353 31.36 22.44 4.12
C HIS A 353 31.06 21.56 5.31
N LEU A 354 31.41 22.00 6.50
CA LEU A 354 31.23 21.17 7.68
C LEU A 354 29.77 20.99 8.01
N GLY A 355 28.92 21.94 7.61
CA GLY A 355 27.50 21.81 7.91
C GLY A 355 26.89 20.53 7.34
N ALA A 356 27.40 20.11 6.18
CA ALA A 356 26.85 18.95 5.48
C ALA A 356 27.16 17.65 6.20
N VAL A 357 28.15 17.63 7.09
CA VAL A 357 28.42 16.46 7.92
C VAL A 357 27.23 16.21 8.85
N PHE A 358 26.59 17.28 9.30
CA PHE A 358 25.50 17.21 10.28
C PHE A 358 24.12 17.28 9.65
N MET A 359 24.02 17.86 8.46
CA MET A 359 22.76 17.90 7.69
C MET A 359 23.07 17.52 6.23
N PRO A 360 23.09 16.22 5.91
CA PRO A 360 23.52 15.84 4.55
C PRO A 360 22.41 15.99 3.48
N HIS A 361 21.21 16.25 3.91
CA HIS A 361 20.06 16.40 3.01
C HIS A 361 19.73 17.86 2.76
N GLY A 362 18.87 18.11 1.78
CA GLY A 362 18.44 19.44 1.46
C GLY A 362 17.54 20.02 2.54
N LEU A 363 17.60 21.34 2.71
CA LEU A 363 16.80 22.01 3.73
C LEU A 363 15.30 21.73 3.60
N GLY A 364 14.81 21.68 2.38
CA GLY A 364 13.39 21.37 2.16
C GLY A 364 13.05 21.40 0.70
N HIS A 365 11.79 21.08 0.39
CA HIS A 365 11.39 20.76 -0.97
C HIS A 365 9.99 21.27 -1.26
N PHE A 366 9.70 21.46 -2.55
CA PHE A 366 8.33 21.69 -2.98
C PHE A 366 7.45 20.53 -2.55
N LEU A 367 6.21 20.88 -2.24
CA LEU A 367 5.19 19.94 -1.76
C LEU A 367 3.91 20.20 -2.50
N GLY A 368 3.18 19.16 -2.85
CA GLY A 368 1.90 19.32 -3.53
C GLY A 368 1.19 17.99 -3.72
N ILE A 369 0.87 17.66 -4.97
CA ILE A 369 0.25 16.37 -5.22
C ILE A 369 1.24 15.23 -4.97
N ASP A 370 2.52 15.49 -5.17
CA ASP A 370 3.58 14.60 -4.69
C ASP A 370 4.27 15.21 -3.48
N VAL A 371 4.74 14.34 -2.58
CA VAL A 371 5.44 14.82 -1.38
C VAL A 371 6.73 15.56 -1.80
N HIS A 372 7.48 14.99 -2.73
CA HIS A 372 8.58 15.70 -3.38
C HIS A 372 8.03 16.22 -4.69
N ASP A 373 7.51 17.45 -4.64
CA ASP A 373 6.69 17.89 -5.75
C ASP A 373 7.53 18.34 -6.94
N VAL A 374 6.88 18.41 -8.09
CA VAL A 374 7.55 18.71 -9.36
C VAL A 374 8.03 20.16 -9.47
N GLY A 375 8.96 20.40 -10.39
CA GLY A 375 9.35 21.76 -10.74
C GLY A 375 10.49 22.41 -9.98
N GLY A 376 11.23 21.61 -9.22
CA GLY A 376 12.37 22.17 -8.46
C GLY A 376 13.54 22.61 -9.32
N TYR A 377 13.71 21.96 -10.48
CA TYR A 377 14.84 22.20 -11.37
C TYR A 377 14.39 22.31 -12.82
N PRO A 378 13.60 23.34 -13.12
CA PRO A 378 13.25 23.63 -14.52
C PRO A 378 14.48 24.04 -15.32
N GLU A 379 14.38 24.05 -16.64
CA GLU A 379 15.48 24.47 -17.49
C GLU A 379 16.03 25.82 -17.02
N GLY A 380 17.35 25.89 -16.83
CA GLY A 380 17.99 27.13 -16.44
C GLY A 380 18.29 27.23 -14.96
N VAL A 381 17.78 26.27 -14.18
CA VAL A 381 18.03 26.19 -12.75
C VAL A 381 18.92 24.99 -12.47
N GLU A 382 20.14 25.23 -12.01
CA GLU A 382 21.14 24.17 -11.88
C GLU A 382 21.31 23.67 -10.44
N ARG A 383 21.60 22.38 -10.32
CA ARG A 383 21.92 21.75 -9.06
C ARG A 383 23.33 22.18 -8.67
N ILE A 384 23.51 22.56 -7.42
CA ILE A 384 24.81 23.00 -6.92
C ILE A 384 25.61 21.79 -6.44
N ASP A 385 26.79 21.61 -7.02
CA ASP A 385 27.64 20.45 -6.74
C ASP A 385 28.54 20.68 -5.50
N GLU A 386 27.89 20.75 -4.36
CA GLU A 386 28.57 20.90 -3.06
C GLU A 386 27.88 19.99 -2.06
N PRO A 387 28.60 19.54 -1.02
CA PRO A 387 27.99 18.77 0.05
C PRO A 387 26.75 19.48 0.61
N GLY A 388 25.68 18.71 0.83
CA GLY A 388 24.43 19.24 1.33
C GLY A 388 23.58 19.88 0.24
N LEU A 389 24.14 20.93 -0.31
CA LEU A 389 23.37 21.64 -1.42
C LEU A 389 23.05 20.76 -2.65
N ARG A 390 23.90 19.74 -2.88
CA ARG A 390 23.61 18.89 -4.04
C ARG A 390 22.36 18.04 -3.81
N SER A 391 21.95 17.90 -2.55
CA SER A 391 20.77 17.14 -2.22
C SER A 391 19.52 18.00 -2.16
N LEU A 392 19.65 19.31 -2.32
CA LEU A 392 18.48 20.17 -2.39
C LEU A 392 17.63 19.75 -3.57
N ARG A 393 16.32 19.72 -3.34
CA ARG A 393 15.40 19.33 -4.39
C ARG A 393 14.88 20.53 -5.20
N THR A 394 15.33 21.74 -4.85
CA THR A 394 15.17 22.89 -5.74
C THR A 394 16.26 23.92 -5.42
N ALA A 395 16.74 24.61 -6.46
CA ALA A 395 17.65 25.75 -6.30
C ALA A 395 16.98 27.03 -6.79
N ARG A 396 15.64 27.05 -6.77
CA ARG A 396 14.88 28.22 -7.21
C ARG A 396 14.84 29.34 -6.17
N HIS A 397 14.51 30.54 -6.64
CA HIS A 397 14.11 31.64 -5.79
C HIS A 397 12.62 31.52 -5.44
N LEU A 398 12.26 31.96 -4.25
CA LEU A 398 10.87 31.85 -3.79
C LEU A 398 9.95 32.87 -4.44
N GLN A 399 8.74 32.42 -4.74
CA GLN A 399 7.69 33.28 -5.28
C GLN A 399 6.36 32.94 -4.63
N PRO A 400 5.44 33.93 -4.55
CA PRO A 400 4.16 33.61 -3.92
C PRO A 400 3.41 32.44 -4.55
N GLY A 401 2.86 31.59 -3.69
CA GLY A 401 2.09 30.44 -4.13
C GLY A 401 2.87 29.15 -4.09
N MET A 402 4.19 29.22 -3.97
CA MET A 402 4.99 28.01 -3.77
C MET A 402 4.71 27.44 -2.39
N VAL A 403 4.70 26.11 -2.31
CA VAL A 403 4.55 25.40 -1.05
C VAL A 403 5.84 24.62 -0.83
N LEU A 404 6.48 24.87 0.31
CA LEU A 404 7.79 24.32 0.67
C LEU A 404 7.72 23.63 2.00
N THR A 405 8.50 22.56 2.16
CA THR A 405 8.83 22.10 3.50
C THR A 405 10.07 22.84 3.96
N VAL A 406 10.11 23.08 5.26
CA VAL A 406 11.25 23.66 5.95
C VAL A 406 11.66 22.62 6.97
N GLU A 407 12.76 21.90 6.71
CA GLU A 407 13.09 20.72 7.52
C GLU A 407 14.58 20.58 7.78
N PRO A 408 15.15 21.59 8.46
CA PRO A 408 16.51 21.37 8.94
C PRO A 408 16.59 20.22 9.93
N GLY A 409 17.79 19.66 10.04
CA GLY A 409 18.07 18.68 11.05
C GLY A 409 19.56 18.61 11.35
N ILE A 410 19.85 18.00 12.48
CA ILE A 410 21.22 17.69 12.89
C ILE A 410 21.24 16.22 13.27
N TYR A 411 22.19 15.47 12.70
CA TYR A 411 22.32 14.03 12.95
C TYR A 411 23.77 13.70 13.25
N PHE A 412 23.98 12.58 13.91
CA PHE A 412 25.30 12.07 14.22
C PHE A 412 25.49 10.77 13.45
N ILE A 413 26.01 10.90 12.25
CA ILE A 413 26.09 9.80 11.28
C ILE A 413 27.52 9.30 11.18
N ASP A 414 27.78 8.06 11.60
CA ASP A 414 29.15 7.62 11.81
C ASP A 414 30.01 7.74 10.58
N HIS A 415 29.53 7.37 9.40
CA HIS A 415 30.47 7.37 8.30
C HIS A 415 30.81 8.81 7.88
N LEU A 416 29.90 9.76 8.08
CA LEU A 416 30.21 11.16 7.77
C LEU A 416 31.13 11.78 8.80
N LEU A 417 30.89 11.46 10.07
CA LEU A 417 31.77 11.93 11.15
C LEU A 417 33.17 11.35 10.95
N ASP A 418 33.25 10.07 10.60
CA ASP A 418 34.55 9.42 10.43
C ASP A 418 35.29 10.01 9.23
N GLU A 419 34.58 10.31 8.16
CA GLU A 419 35.23 10.97 7.01
C GLU A 419 35.80 12.30 7.41
N ALA A 420 35.01 13.07 8.14
CA ALA A 420 35.45 14.40 8.54
C ALA A 420 36.65 14.33 9.47
N LEU A 421 36.69 13.34 10.36
CA LEU A 421 37.79 13.22 11.31
C LEU A 421 39.09 12.80 10.63
N ALA A 422 38.98 12.18 9.46
CA ALA A 422 40.16 11.75 8.72
C ALA A 422 40.69 12.87 7.85
N ASP A 423 39.87 13.88 7.61
CA ASP A 423 40.22 15.00 6.74
C ASP A 423 40.81 16.17 7.55
N PRO A 424 42.09 16.50 7.36
CA PRO A 424 42.67 17.58 8.17
C PRO A 424 41.97 18.93 8.00
N ALA A 425 41.34 19.18 6.87
CA ALA A 425 40.60 20.41 6.65
C ALA A 425 39.36 20.52 7.55
N ARG A 426 38.86 19.41 8.08
CA ARG A 426 37.64 19.45 8.90
C ARG A 426 37.90 18.94 10.31
N ALA A 427 38.88 18.06 10.47
CA ALA A 427 39.06 17.37 11.75
C ALA A 427 39.39 18.32 12.90
N SER A 428 40.08 19.39 12.59
N SER A 428 40.07 19.42 12.60
CA SER A 428 40.51 20.34 13.61
CA SER A 428 40.51 20.32 13.66
C SER A 428 39.33 21.00 14.30
C SER A 428 39.39 21.22 14.18
N PHE A 429 38.20 21.10 13.59
CA PHE A 429 37.00 21.75 14.15
C PHE A 429 36.28 20.86 15.16
N LEU A 430 36.54 19.57 15.08
CA LEU A 430 35.79 18.60 15.85
C LEU A 430 36.48 18.26 17.16
N ASN A 431 35.75 18.31 18.26
CA ASN A 431 36.29 17.96 19.56
C ASN A 431 35.91 16.52 19.86
N ARG A 432 36.82 15.61 19.58
CA ARG A 432 36.54 14.17 19.62
C ARG A 432 35.97 13.73 20.95
N GLU A 433 36.46 14.25 22.06
CA GLU A 433 36.03 13.79 23.38
C GLU A 433 34.56 14.17 23.64
N VAL A 434 34.12 15.29 23.08
CA VAL A 434 32.75 15.73 23.26
C VAL A 434 31.85 15.01 22.26
N LEU A 435 32.29 14.95 21.01
CA LEU A 435 31.54 14.24 19.96
C LEU A 435 31.26 12.80 20.35
N GLN A 436 32.20 12.15 21.04
CA GLN A 436 32.06 10.72 21.37
C GLN A 436 30.78 10.45 22.15
N ARG A 437 30.39 11.39 23.00
CA ARG A 437 29.16 11.32 23.79
C ARG A 437 27.88 11.28 22.96
N PHE A 438 27.98 11.80 21.74
CA PHE A 438 26.84 11.97 20.84
C PHE A 438 26.81 10.88 19.78
N ARG A 439 27.81 10.01 19.78
CA ARG A 439 27.72 8.83 18.93
C ARG A 439 26.52 8.01 19.38
N GLY A 440 25.66 7.65 18.44
CA GLY A 440 24.46 6.90 18.75
C GLY A 440 23.29 7.74 19.22
N PHE A 441 23.45 9.05 19.29
CA PHE A 441 22.35 9.98 19.64
C PHE A 441 21.19 9.89 18.66
N GLY A 442 21.52 9.64 17.39
CA GLY A 442 20.58 9.72 16.31
C GLY A 442 20.57 11.10 15.73
N GLY A 443 19.42 11.74 15.78
CA GLY A 443 19.30 13.11 15.29
C GLY A 443 17.96 13.73 15.58
N VAL A 444 17.86 15.00 15.20
CA VAL A 444 16.66 15.82 15.34
C VAL A 444 16.34 16.41 13.97
N ARG A 445 15.08 16.36 13.58
CA ARG A 445 14.59 17.09 12.44
C ARG A 445 13.24 17.70 12.80
N ILE A 446 13.07 18.95 12.40
CA ILE A 446 11.83 19.70 12.62
C ILE A 446 11.35 20.09 11.25
N GLU A 447 10.21 19.55 10.80
CA GLU A 447 9.70 19.82 9.46
C GLU A 447 8.33 20.47 9.51
N GLU A 448 8.26 21.69 8.97
CA GLU A 448 7.05 22.52 8.82
C GLU A 448 6.69 22.58 7.35
N ASP A 449 5.40 22.71 7.05
CA ASP A 449 4.95 23.00 5.68
C ASP A 449 4.49 24.43 5.61
N VAL A 450 4.96 25.19 4.61
CA VAL A 450 4.65 26.60 4.52
C VAL A 450 4.30 26.98 3.09
N VAL A 451 3.52 28.03 3.01
CA VAL A 451 3.23 28.69 1.68
CA VAL A 451 3.27 28.58 1.58
C VAL A 451 3.85 30.09 1.54
N VAL A 452 4.57 30.33 0.48
CA VAL A 452 5.11 31.66 0.26
C VAL A 452 3.96 32.64 -0.08
N THR A 453 3.96 33.78 0.60
CA THR A 453 2.95 34.83 0.39
C THR A 453 3.62 36.04 -0.25
N ASP A 454 2.85 37.10 -0.53
CA ASP A 454 3.43 38.29 -1.08
C ASP A 454 4.51 38.91 -0.16
N SER A 455 4.34 38.76 1.15
CA SER A 455 5.20 39.43 2.14
C SER A 455 6.09 38.52 2.98
N GLY A 456 5.95 37.20 2.83
CA GLY A 456 6.66 36.28 3.69
C GLY A 456 6.11 34.88 3.49
N ILE A 457 5.64 34.24 4.55
CA ILE A 457 5.06 32.90 4.46
C ILE A 457 3.83 32.76 5.33
N GLU A 458 3.03 31.73 5.03
CA GLU A 458 1.97 31.24 5.91
C GLU A 458 2.37 29.86 6.38
N LEU A 459 2.48 29.67 7.70
CA LEU A 459 2.74 28.34 8.25
C LEU A 459 1.49 27.49 8.29
N LEU A 460 1.54 26.31 7.64
CA LEU A 460 0.39 25.42 7.60
C LEU A 460 0.32 24.46 8.78
N THR A 461 1.48 24.09 9.29
CA THR A 461 1.62 23.10 10.35
C THR A 461 1.36 23.69 11.73
N CYS A 462 0.77 22.93 12.64
CA CYS A 462 0.56 23.40 14.00
CA CYS A 462 0.49 23.38 13.98
C CYS A 462 0.74 22.29 15.02
N VAL A 463 1.98 22.07 15.40
CA VAL A 463 2.35 21.10 16.41
C VAL A 463 3.16 21.79 17.50
N PRO A 464 3.22 21.18 18.68
CA PRO A 464 4.12 21.72 19.71
C PRO A 464 5.56 21.71 19.23
N ARG A 465 6.30 22.79 19.52
CA ARG A 465 7.66 22.90 19.02
C ARG A 465 8.71 23.28 20.06
N THR A 466 8.37 24.12 21.03
CA THR A 466 9.40 24.42 22.01
C THR A 466 9.55 23.24 22.94
N VAL A 467 10.67 23.18 23.65
CA VAL A 467 10.87 22.12 24.63
C VAL A 467 9.73 22.08 25.65
N GLU A 468 9.33 23.24 26.17
CA GLU A 468 8.22 23.29 27.14
C GLU A 468 6.89 22.79 26.52
N GLU A 469 6.60 23.21 25.30
CA GLU A 469 5.39 22.74 24.62
C GLU A 469 5.38 21.23 24.42
N ILE A 470 6.51 20.67 24.02
CA ILE A 470 6.56 19.25 23.76
C ILE A 470 6.41 18.48 25.07
N GLU A 471 7.12 18.90 26.11
CA GLU A 471 7.05 18.20 27.38
C GLU A 471 5.62 18.27 27.90
N ALA A 472 4.96 19.41 27.73
CA ALA A 472 3.58 19.53 28.22
C ALA A 472 2.63 18.62 27.43
N CYS A 473 2.85 18.54 26.14
CA CYS A 473 2.00 17.71 25.29
C CYS A 473 2.09 16.24 25.72
N MET A 474 3.33 15.80 25.95
CA MET A 474 3.57 14.38 26.26
C MET A 474 3.04 13.98 27.62
N ALA A 475 2.99 14.94 28.54
CA ALA A 475 2.50 14.68 29.89
C ALA A 475 0.99 14.79 30.04
N GLY A 476 0.30 15.14 28.95
CA GLY A 476 -1.15 15.26 28.97
C GLY A 476 -1.89 13.95 29.11
N CYS A 477 -2.86 13.95 30.02
CA CYS A 477 -3.70 12.79 30.30
C CYS A 477 -4.78 12.53 29.24
N ASP A 478 -5.23 13.13 28.51
CA ASP A 478 -6.40 13.06 27.61
C ASP A 478 -5.94 12.63 26.23
N LYS A 479 -5.85 11.72 26.24
CA LYS A 479 -5.60 11.17 24.90
C LYS A 479 -6.78 11.47 23.99
N ALA A 480 -8.00 11.27 24.52
CA ALA A 480 -9.23 11.56 23.79
C ALA A 480 -9.38 10.68 22.54
N PHE A 481 -8.43 9.77 22.32
CA PHE A 481 -8.51 8.85 21.19
C PHE A 481 -7.94 7.49 21.61
N THR A 482 -8.78 6.59 22.09
CA THR A 482 -8.29 5.30 22.62
C THR A 482 -8.91 4.17 21.80
N PRO A 483 -8.25 3.59 20.78
CA PRO A 483 -8.88 2.52 19.99
C PRO A 483 -9.28 1.23 20.72
N PHE A 484 -8.40 0.64 21.55
CA PHE A 484 -8.71 -0.60 22.33
C PHE A 484 -8.16 -0.41 23.75
N GLY B 1 17.96 -22.04 15.52
CA GLY B 1 18.34 -21.15 14.43
C GLY B 1 17.64 -19.81 14.51
N PRO B 2 17.92 -18.92 13.55
CA PRO B 2 17.33 -17.59 13.54
C PRO B 2 15.84 -17.60 13.20
N SER B 3 15.16 -16.53 13.60
CA SER B 3 13.76 -16.35 13.29
CA SER B 3 13.74 -16.35 13.36
C SER B 3 13.44 -14.92 12.92
N PHE B 4 12.41 -14.78 12.11
CA PHE B 4 11.76 -13.51 11.85
C PHE B 4 10.82 -13.22 13.02
N TRP B 5 10.81 -11.98 13.51
CA TRP B 5 10.03 -11.62 14.66
C TRP B 5 9.83 -10.12 14.63
N LEU B 6 8.65 -9.64 15.03
CA LEU B 6 8.41 -8.20 15.19
C LEU B 6 8.15 -7.82 16.65
N GLY B 7 8.65 -8.65 17.54
CA GLY B 7 8.65 -8.36 18.97
C GLY B 7 7.29 -8.48 19.60
N ASN B 8 7.18 -7.97 20.82
CA ASN B 8 5.95 -8.03 21.60
C ASN B 8 5.34 -9.44 21.59
N GLU B 9 4.08 -9.58 21.16
CA GLU B 9 3.43 -10.89 21.10
C GLU B 9 3.33 -11.45 19.68
N THR B 10 4.11 -10.91 18.76
CA THR B 10 4.10 -11.41 17.38
C THR B 10 4.80 -12.76 17.30
N LEU B 11 4.55 -13.49 16.23
CA LEU B 11 5.07 -14.84 16.06
C LEU B 11 6.52 -14.87 15.62
N LYS B 12 7.32 -15.71 16.26
CA LYS B 12 8.65 -16.00 15.76
C LYS B 12 8.56 -17.07 14.68
N VAL B 13 8.99 -16.73 13.47
CA VAL B 13 8.97 -17.65 12.35
C VAL B 13 10.40 -18.12 12.06
N PRO B 14 10.67 -19.41 12.29
CA PRO B 14 12.04 -19.88 12.08
C PRO B 14 12.43 -19.81 10.61
N LEU B 15 13.67 -19.38 10.33
CA LEU B 15 14.13 -19.41 8.93
C LEU B 15 14.26 -20.85 8.42
N ALA B 16 14.29 -21.82 9.35
CA ALA B 16 14.21 -23.24 8.97
C ALA B 16 12.98 -23.57 8.11
N LEU B 17 11.93 -22.76 8.23
CA LEU B 17 10.75 -22.93 7.39
C LEU B 17 11.12 -22.90 5.92
N PHE B 18 11.94 -21.93 5.54
CA PHE B 18 12.32 -21.77 4.14
C PHE B 18 13.35 -22.82 3.72
N ALA B 19 14.25 -23.20 4.62
CA ALA B 19 15.16 -24.30 4.34
C ALA B 19 14.39 -25.58 4.04
N LEU B 20 13.32 -25.82 4.78
CA LEU B 20 12.54 -27.01 4.52
C LEU B 20 11.88 -26.93 3.15
N ASN B 21 11.36 -25.76 2.80
CA ASN B 21 10.79 -25.61 1.46
C ASN B 21 11.81 -25.89 0.37
N ARG B 22 13.03 -25.40 0.51
CA ARG B 22 14.08 -25.65 -0.48
C ARG B 22 14.36 -27.16 -0.59
N GLN B 23 14.44 -27.82 0.57
CA GLN B 23 14.67 -29.27 0.63
CA GLN B 23 14.70 -29.25 0.59
C GLN B 23 13.57 -30.01 -0.11
N ARG B 24 12.33 -29.64 0.19
CA ARG B 24 11.19 -30.27 -0.46
C ARG B 24 11.18 -30.08 -1.96
N LEU B 25 11.51 -28.90 -2.42
CA LEU B 25 11.58 -28.64 -3.86
C LEU B 25 12.66 -29.52 -4.52
N CYS B 26 13.84 -29.60 -3.90
CA CYS B 26 14.92 -30.41 -4.46
C CYS B 26 14.50 -31.88 -4.51
N GLU B 27 13.86 -32.35 -3.45
CA GLU B 27 13.44 -33.75 -3.40
C GLU B 27 12.45 -34.06 -4.52
N ARG B 28 11.55 -33.16 -4.79
CA ARG B 28 10.56 -33.31 -5.87
C ARG B 28 11.29 -33.27 -7.22
N LEU B 29 12.21 -32.35 -7.41
CA LEU B 29 12.90 -32.25 -8.70
C LEU B 29 13.76 -33.47 -8.96
N ARG B 30 14.35 -34.05 -7.93
CA ARG B 30 15.21 -35.22 -8.13
C ARG B 30 14.43 -36.40 -8.68
N LYS B 31 13.12 -36.43 -8.40
CA LYS B 31 12.28 -37.51 -8.88
CA LYS B 31 12.24 -37.50 -8.87
C LYS B 31 11.68 -37.22 -10.25
N ASN B 32 11.89 -36.02 -10.74
CA ASN B 32 11.36 -35.60 -12.02
C ASN B 32 12.26 -36.08 -13.18
N PRO B 33 11.73 -36.86 -14.12
CA PRO B 33 12.58 -37.41 -15.19
C PRO B 33 13.17 -36.36 -16.13
N ALA B 34 12.61 -35.16 -16.13
CA ALA B 34 13.11 -34.11 -17.01
C ALA B 34 14.32 -33.43 -16.40
N VAL B 35 14.61 -33.72 -15.13
CA VAL B 35 15.70 -33.07 -14.40
C VAL B 35 16.98 -33.88 -14.45
N GLN B 36 18.03 -33.23 -14.91
CA GLN B 36 19.35 -33.85 -14.98
C GLN B 36 20.26 -33.40 -13.83
N ALA B 37 21.30 -34.19 -13.56
CA ALA B 37 22.31 -33.82 -12.57
C ALA B 37 22.93 -32.47 -12.90
N GLY B 38 23.31 -31.75 -11.85
CA GLY B 38 24.00 -30.48 -11.99
C GLY B 38 23.08 -29.32 -12.28
N SER B 39 21.79 -29.50 -12.10
CA SER B 39 20.85 -28.39 -12.34
C SER B 39 20.85 -27.41 -11.16
N ILE B 40 20.59 -26.15 -11.46
CA ILE B 40 20.50 -25.11 -10.44
C ILE B 40 19.21 -24.35 -10.66
N VAL B 41 18.38 -24.28 -9.61
CA VAL B 41 17.18 -23.44 -9.60
C VAL B 41 17.61 -21.99 -9.45
N VAL B 42 17.13 -21.12 -10.32
CA VAL B 42 17.47 -19.69 -10.25
C VAL B 42 16.19 -18.89 -10.15
N LEU B 43 16.04 -18.20 -9.02
CA LEU B 43 14.92 -17.28 -8.79
C LEU B 43 15.40 -15.83 -8.61
N GLN B 44 14.59 -14.90 -9.11
CA GLN B 44 14.89 -13.47 -8.98
C GLN B 44 13.86 -12.86 -8.06
N GLY B 45 14.33 -12.14 -7.06
CA GLY B 45 13.48 -11.46 -6.12
C GLY B 45 12.86 -10.21 -6.70
N GLY B 46 11.90 -9.66 -5.98
CA GLY B 46 11.31 -8.41 -6.39
C GLY B 46 12.27 -7.25 -6.20
N GLU B 47 12.00 -6.18 -6.94
CA GLU B 47 12.71 -4.92 -6.86
C GLU B 47 11.83 -3.82 -6.30
N GLU B 48 12.47 -2.81 -5.75
CA GLU B 48 11.75 -1.63 -5.29
C GLU B 48 11.10 -0.93 -6.45
N THR B 49 9.91 -0.39 -6.22
CA THR B 49 9.22 0.38 -7.24
C THR B 49 8.77 1.70 -6.67
N GLN B 50 8.44 2.59 -7.59
CA GLN B 50 7.97 3.94 -7.27
CA GLN B 50 7.98 3.92 -7.26
C GLN B 50 6.64 4.17 -7.95
N ARG B 51 5.92 5.17 -7.49
CA ARG B 51 4.63 5.50 -8.03
C ARG B 51 4.82 6.33 -9.31
N TYR B 52 4.44 5.74 -10.45
CA TYR B 52 4.53 6.38 -11.75
C TYR B 52 5.94 6.94 -11.93
N CYS B 53 6.06 8.21 -12.33
CA CYS B 53 7.36 8.82 -12.59
C CYS B 53 7.93 9.56 -11.38
N THR B 54 7.28 9.43 -10.23
CA THR B 54 7.69 10.16 -9.03
C THR B 54 8.75 9.39 -8.25
N ASP B 55 9.31 10.03 -7.22
CA ASP B 55 10.19 9.30 -6.31
C ASP B 55 9.44 8.77 -5.10
N THR B 56 8.10 8.76 -5.15
CA THR B 56 7.33 8.21 -4.06
C THR B 56 7.47 6.70 -4.06
N GLY B 57 8.03 6.15 -2.99
CA GLY B 57 8.25 4.71 -2.91
C GLY B 57 6.97 3.95 -2.65
N VAL B 58 6.90 2.77 -3.24
CA VAL B 58 5.84 1.82 -2.96
C VAL B 58 6.40 0.83 -1.93
N LEU B 59 5.63 0.53 -0.89
CA LEU B 59 6.13 -0.36 0.15
C LEU B 59 6.44 -1.71 -0.49
N PHE B 60 7.65 -2.18 -0.24
CA PHE B 60 8.15 -3.37 -0.90
C PHE B 60 7.63 -4.62 -0.24
N ARG B 61 7.08 -5.50 -1.06
CA ARG B 61 6.63 -6.82 -0.64
C ARG B 61 7.24 -7.82 -1.60
N GLN B 62 7.86 -8.84 -1.03
CA GLN B 62 8.64 -9.83 -1.80
C GLN B 62 7.75 -10.63 -2.73
N GLU B 63 8.28 -11.01 -3.87
CA GLU B 63 7.59 -11.91 -4.78
C GLU B 63 7.36 -13.26 -4.08
N SER B 64 6.19 -13.85 -4.31
CA SER B 64 5.75 -14.98 -3.51
C SER B 64 6.55 -16.28 -3.65
N PHE B 65 6.94 -16.67 -4.86
CA PHE B 65 7.80 -17.86 -5.01
C PHE B 65 9.16 -17.64 -4.34
N PHE B 66 9.73 -16.46 -4.52
CA PHE B 66 11.02 -16.14 -3.90
C PHE B 66 10.92 -16.17 -2.38
N HIS B 67 9.85 -15.60 -1.85
CA HIS B 67 9.61 -15.66 -0.44
C HIS B 67 9.50 -17.09 0.06
N TRP B 68 8.69 -17.88 -0.64
CA TRP B 68 8.49 -19.28 -0.26
C TRP B 68 9.84 -20.00 -0.11
N ALA B 69 10.74 -19.73 -1.04
CA ALA B 69 12.03 -20.42 -1.05
C ALA B 69 13.06 -19.83 -0.08
N PHE B 70 13.00 -18.52 0.20
CA PHE B 70 14.10 -17.85 0.91
C PHE B 70 13.70 -16.98 2.09
N GLY B 71 12.46 -16.50 2.14
CA GLY B 71 12.03 -15.66 3.24
C GLY B 71 12.71 -14.30 3.33
N VAL B 72 13.26 -13.85 2.22
CA VAL B 72 14.07 -12.62 2.17
C VAL B 72 13.19 -11.40 1.99
N THR B 73 13.38 -10.39 2.84
CA THR B 73 12.55 -9.18 2.83
C THR B 73 13.17 -8.04 2.05
N GLU B 74 14.46 -8.14 1.74
CA GLU B 74 15.15 -7.05 1.04
C GLU B 74 14.89 -7.07 -0.47
N PRO B 75 14.72 -5.89 -1.09
CA PRO B 75 14.61 -5.82 -2.53
C PRO B 75 15.93 -6.06 -3.27
N GLY B 76 15.84 -6.45 -4.52
CA GLY B 76 17.00 -6.54 -5.40
C GLY B 76 17.81 -7.81 -5.32
N CYS B 77 17.29 -8.87 -4.72
CA CYS B 77 18.03 -10.10 -4.52
C CYS B 77 17.76 -11.14 -5.61
N TYR B 78 18.65 -12.12 -5.68
CA TYR B 78 18.43 -13.37 -6.42
C TYR B 78 18.72 -14.50 -5.46
N GLY B 79 18.27 -15.70 -5.81
CA GLY B 79 18.55 -16.87 -4.98
C GLY B 79 18.65 -18.09 -5.86
N VAL B 80 19.63 -18.94 -5.57
CA VAL B 80 19.79 -20.15 -6.34
C VAL B 80 19.89 -21.34 -5.42
N ILE B 81 19.50 -22.50 -5.94
CA ILE B 81 19.52 -23.74 -5.19
C ILE B 81 20.11 -24.82 -6.08
N ASP B 82 21.19 -25.44 -5.63
CA ASP B 82 21.75 -26.61 -6.31
C ASP B 82 20.85 -27.79 -6.07
N VAL B 83 20.28 -28.35 -7.12
CA VAL B 83 19.30 -29.41 -6.95
C VAL B 83 19.93 -30.67 -6.34
N ASP B 84 21.14 -31.04 -6.75
CA ASP B 84 21.68 -32.32 -6.30
C ASP B 84 22.03 -32.31 -4.81
N THR B 85 22.45 -31.17 -4.29
CA THR B 85 22.94 -31.07 -2.91
C THR B 85 22.02 -30.29 -1.98
N GLY B 86 21.11 -29.52 -2.57
CA GLY B 86 20.28 -28.60 -1.82
C GLY B 86 20.98 -27.31 -1.40
N LYS B 87 22.26 -27.13 -1.75
CA LYS B 87 22.99 -25.92 -1.34
C LYS B 87 22.32 -24.64 -1.84
N SER B 88 22.16 -23.69 -0.92
CA SER B 88 21.48 -22.44 -1.22
C SER B 88 22.46 -21.27 -1.22
N THR B 89 22.33 -20.41 -2.22
CA THR B 89 23.13 -19.18 -2.30
C THR B 89 22.20 -17.99 -2.52
N LEU B 90 22.31 -17.01 -1.63
CA LEU B 90 21.55 -15.77 -1.74
C LEU B 90 22.45 -14.70 -2.33
N PHE B 91 21.93 -13.96 -3.30
CA PHE B 91 22.65 -12.84 -3.90
C PHE B 91 21.95 -11.56 -3.43
N VAL B 92 22.75 -10.67 -2.83
CA VAL B 92 22.24 -9.42 -2.27
C VAL B 92 22.86 -8.25 -3.02
N PRO B 93 22.19 -7.10 -3.08
CA PRO B 93 22.74 -5.93 -3.78
C PRO B 93 23.99 -5.40 -3.14
N ARG B 94 24.95 -5.00 -3.99
CA ARG B 94 26.11 -4.28 -3.53
C ARG B 94 25.75 -2.80 -3.41
N LEU B 95 25.67 -2.32 -2.18
CA LEU B 95 25.06 -1.01 -1.96
C LEU B 95 26.04 0.16 -2.04
N PRO B 96 25.53 1.33 -2.45
CA PRO B 96 26.34 2.54 -2.46
C PRO B 96 26.57 3.03 -1.04
N ALA B 97 27.67 3.73 -0.83
CA ALA B 97 28.01 4.20 0.51
C ALA B 97 26.89 5.07 1.07
N SER B 98 26.26 5.85 0.21
CA SER B 98 25.22 6.81 0.62
C SER B 98 24.01 6.12 1.24
N HIS B 99 23.91 4.80 1.05
CA HIS B 99 22.81 4.03 1.63
C HIS B 99 22.86 4.19 3.15
N ALA B 100 24.07 4.35 3.66
CA ALA B 100 24.28 4.37 5.11
C ALA B 100 23.67 5.62 5.72
N THR B 101 23.61 6.68 4.92
CA THR B 101 22.99 7.93 5.32
C THR B 101 21.47 7.84 5.27
N TRP B 102 20.95 7.36 4.15
CA TRP B 102 19.52 7.47 3.87
C TRP B 102 18.68 6.27 4.31
N MET B 103 19.26 5.07 4.21
CA MET B 103 18.47 3.85 4.27
C MET B 103 18.82 2.98 5.49
N GLY B 104 20.09 3.02 5.92
CA GLY B 104 20.49 2.28 7.10
C GLY B 104 21.81 1.57 6.94
N LYS B 105 22.14 0.74 7.92
CA LYS B 105 23.46 0.12 7.98
C LYS B 105 23.69 -0.72 6.74
N ILE B 106 24.93 -0.70 6.26
CA ILE B 106 25.28 -1.56 5.14
C ILE B 106 25.81 -2.87 5.70
N HIS B 107 24.94 -3.87 5.70
CA HIS B 107 25.26 -5.16 6.27
C HIS B 107 26.19 -5.97 5.39
N SER B 108 27.06 -6.73 6.04
CA SER B 108 27.97 -7.65 5.37
C SER B 108 27.22 -8.85 4.79
N LYS B 109 27.87 -9.51 3.84
CA LYS B 109 27.36 -10.75 3.34
C LYS B 109 27.20 -11.79 4.46
N GLU B 110 28.13 -11.83 5.40
CA GLU B 110 28.03 -12.76 6.52
C GLU B 110 26.79 -12.49 7.38
N HIS B 111 26.45 -11.22 7.53
CA HIS B 111 25.22 -10.85 8.23
C HIS B 111 24.01 -11.53 7.59
N PHE B 112 23.90 -11.43 6.27
CA PHE B 112 22.78 -12.04 5.59
C PHE B 112 22.82 -13.57 5.63
N LYS B 113 24.02 -14.17 5.58
CA LYS B 113 24.12 -15.63 5.67
C LYS B 113 23.53 -16.10 7.00
N GLU B 114 23.90 -15.41 8.08
CA GLU B 114 23.45 -15.73 9.41
C GLU B 114 21.96 -15.45 9.53
N LYS B 115 21.51 -14.33 8.98
CA LYS B 115 20.11 -13.94 9.09
C LYS B 115 19.18 -14.93 8.43
N TYR B 116 19.57 -15.44 7.27
CA TYR B 116 18.68 -16.24 6.45
C TYR B 116 19.02 -17.73 6.48
N ALA B 117 20.12 -18.09 7.15
CA ALA B 117 20.54 -19.49 7.29
C ALA B 117 20.65 -20.19 5.93
N VAL B 118 21.29 -19.49 5.00
CA VAL B 118 21.62 -20.04 3.69
C VAL B 118 23.07 -20.49 3.70
N ASP B 119 23.47 -21.22 2.69
CA ASP B 119 24.81 -21.79 2.70
C ASP B 119 25.88 -20.80 2.26
N ASP B 120 25.50 -19.84 1.43
CA ASP B 120 26.45 -18.85 0.91
C ASP B 120 25.71 -17.58 0.55
N VAL B 121 26.43 -16.46 0.62
CA VAL B 121 25.92 -15.19 0.17
C VAL B 121 26.97 -14.55 -0.72
N GLN B 122 26.48 -13.97 -1.83
CA GLN B 122 27.29 -13.28 -2.81
C GLN B 122 26.59 -11.98 -3.21
N TYR B 123 27.32 -11.08 -3.87
CA TYR B 123 26.71 -9.89 -4.44
C TYR B 123 26.07 -10.19 -5.79
N VAL B 124 24.96 -9.53 -6.05
CA VAL B 124 24.19 -9.78 -7.27
C VAL B 124 24.99 -9.61 -8.57
N ASP B 125 25.89 -8.63 -8.61
CA ASP B 125 26.63 -8.40 -9.84
C ASP B 125 27.60 -9.53 -10.13
N GLU B 126 27.83 -10.40 -9.15
CA GLU B 126 28.74 -11.53 -9.36
C GLU B 126 28.02 -12.81 -9.78
N ILE B 127 26.72 -12.73 -10.06
CA ILE B 127 25.97 -13.97 -10.29
C ILE B 127 26.48 -14.78 -11.51
N ALA B 128 26.79 -14.14 -12.63
CA ALA B 128 27.28 -14.89 -13.79
C ALA B 128 28.59 -15.61 -13.47
N SER B 129 29.51 -14.91 -12.82
CA SER B 129 30.78 -15.51 -12.42
C SER B 129 30.60 -16.69 -11.46
N VAL B 130 29.78 -16.49 -10.45
CA VAL B 130 29.56 -17.54 -9.46
C VAL B 130 28.91 -18.77 -10.11
N LEU B 131 27.90 -18.58 -10.93
CA LEU B 131 27.28 -19.73 -11.56
C LEU B 131 28.23 -20.36 -12.57
N THR B 132 29.04 -19.57 -13.26
CA THR B 132 30.00 -20.14 -14.22
C THR B 132 30.94 -21.10 -13.49
N SER B 133 31.39 -20.70 -12.31
CA SER B 133 32.36 -21.49 -11.55
CA SER B 133 32.35 -21.50 -11.55
C SER B 133 31.77 -22.83 -11.11
N GLN B 134 30.45 -22.88 -10.97
CA GLN B 134 29.81 -24.11 -10.54
C GLN B 134 29.52 -25.07 -11.71
N LYS B 135 29.72 -24.61 -12.94
CA LYS B 135 29.58 -25.44 -14.15
C LYS B 135 28.26 -26.24 -14.17
N PRO B 136 27.14 -25.56 -14.08
CA PRO B 136 25.84 -26.24 -14.10
C PRO B 136 25.54 -26.81 -15.45
N SER B 137 24.74 -27.88 -15.47
CA SER B 137 24.24 -28.43 -16.71
C SER B 137 23.18 -27.49 -17.29
N VAL B 138 22.23 -27.07 -16.43
CA VAL B 138 21.11 -26.24 -16.83
C VAL B 138 20.65 -25.40 -15.66
N LEU B 139 20.18 -24.19 -15.97
CA LEU B 139 19.53 -23.31 -15.01
C LEU B 139 18.03 -23.55 -15.16
N LEU B 140 17.36 -23.82 -14.05
CA LEU B 140 15.92 -24.01 -14.04
C LEU B 140 15.28 -22.71 -13.57
N THR B 141 14.55 -22.05 -14.46
CA THR B 141 13.92 -20.78 -14.13
C THR B 141 12.40 -20.92 -14.12
N LEU B 142 11.77 -19.88 -13.59
CA LEU B 142 10.33 -19.85 -13.33
C LEU B 142 9.55 -19.18 -14.46
N ARG B 143 8.67 -19.95 -15.09
CA ARG B 143 7.74 -19.40 -16.07
C ARG B 143 6.52 -20.31 -16.11
N GLY B 144 5.36 -19.69 -16.00
CA GLY B 144 4.09 -20.41 -16.02
C GLY B 144 2.96 -19.41 -15.93
N VAL B 145 1.73 -19.91 -15.93
CA VAL B 145 0.55 -19.04 -15.93
C VAL B 145 -0.20 -19.16 -14.61
N ASN B 146 -0.40 -18.01 -13.98
CA ASN B 146 -1.24 -17.94 -12.80
C ASN B 146 -2.70 -18.06 -13.26
N THR B 147 -3.45 -18.99 -12.68
CA THR B 147 -4.77 -19.26 -13.22
C THR B 147 -5.87 -18.37 -12.63
N ASP B 148 -5.51 -17.46 -11.71
CA ASP B 148 -6.45 -16.45 -11.24
C ASP B 148 -6.27 -15.10 -11.96
N SER B 149 -5.01 -14.72 -12.23
CA SER B 149 -4.74 -13.46 -12.92
C SER B 149 -4.58 -13.62 -14.41
N GLY B 150 -4.18 -14.81 -14.83
CA GLY B 150 -3.78 -15.03 -16.20
C GLY B 150 -2.40 -14.52 -16.54
N SER B 151 -1.69 -13.97 -15.55
CA SER B 151 -0.35 -13.44 -15.80
C SER B 151 0.68 -14.54 -15.94
N VAL B 152 1.76 -14.24 -16.68
CA VAL B 152 2.90 -15.13 -16.79
C VAL B 152 3.96 -14.75 -15.75
N CYS B 153 4.37 -15.73 -14.96
CA CYS B 153 5.39 -15.53 -13.95
C CYS B 153 6.66 -14.98 -14.60
N ARG B 154 7.32 -14.05 -13.91
CA ARG B 154 8.54 -13.45 -14.46
C ARG B 154 9.75 -14.33 -14.20
N GLU B 155 10.34 -14.77 -15.30
CA GLU B 155 11.56 -15.56 -15.31
C GLU B 155 12.80 -14.77 -14.90
N ALA B 156 13.65 -15.35 -14.06
CA ALA B 156 14.92 -14.72 -13.69
C ALA B 156 15.75 -14.45 -14.93
N SER B 157 16.44 -13.31 -14.91
CA SER B 157 17.39 -12.98 -15.97
C SER B 157 18.52 -12.18 -15.36
N PHE B 158 19.71 -12.34 -15.92
CA PHE B 158 20.84 -11.53 -15.52
C PHE B 158 21.77 -11.40 -16.71
N ASP B 159 22.66 -10.40 -16.65
CA ASP B 159 23.66 -10.18 -17.69
C ASP B 159 24.58 -11.38 -17.76
N GLY B 160 24.55 -12.07 -18.91
CA GLY B 160 25.35 -13.26 -19.10
C GLY B 160 24.56 -14.55 -19.08
N ILE B 161 23.27 -14.47 -18.81
CA ILE B 161 22.50 -15.68 -18.70
C ILE B 161 22.40 -16.40 -20.06
N SER B 162 22.58 -15.66 -21.15
CA SER B 162 22.55 -16.27 -22.48
C SER B 162 23.67 -17.29 -22.68
N LYS B 163 24.69 -17.26 -21.84
CA LYS B 163 25.81 -18.18 -22.00
C LYS B 163 25.54 -19.55 -21.33
N PHE B 164 24.42 -19.65 -20.63
CA PHE B 164 24.01 -20.86 -19.95
C PHE B 164 22.91 -21.58 -20.71
N GLU B 165 22.77 -22.87 -20.45
CA GLU B 165 21.57 -23.59 -20.86
C GLU B 165 20.46 -23.28 -19.86
N VAL B 166 19.31 -22.81 -20.36
CA VAL B 166 18.20 -22.43 -19.47
C VAL B 166 16.96 -23.22 -19.83
N ASN B 167 16.30 -23.79 -18.82
CA ASN B 167 15.00 -24.41 -19.00
C ASN B 167 13.99 -23.64 -18.18
N ASN B 168 12.88 -23.24 -18.80
CA ASN B 168 11.86 -22.50 -18.07
C ASN B 168 10.51 -23.20 -18.03
N THR B 169 10.49 -24.51 -18.28
CA THR B 169 9.24 -25.26 -18.24
C THR B 169 9.13 -26.20 -17.04
N ILE B 170 10.24 -26.73 -16.56
CA ILE B 170 10.21 -27.76 -15.52
C ILE B 170 9.77 -27.22 -14.14
N LEU B 171 10.32 -26.08 -13.77
CA LEU B 171 10.21 -25.64 -12.37
C LEU B 171 8.81 -25.25 -11.91
N HIS B 172 8.11 -24.46 -12.72
CA HIS B 172 6.86 -23.85 -12.26
C HIS B 172 5.85 -24.85 -11.71
N PRO B 173 5.51 -25.90 -12.45
CA PRO B 173 4.48 -26.81 -11.88
C PRO B 173 4.95 -27.51 -10.61
N GLU B 174 6.25 -27.72 -10.49
CA GLU B 174 6.79 -28.38 -9.32
C GLU B 174 6.82 -27.51 -8.07
N ILE B 175 7.29 -26.28 -8.21
CA ILE B 175 7.31 -25.37 -7.05
C ILE B 175 5.86 -24.97 -6.68
N VAL B 176 4.98 -24.88 -7.67
CA VAL B 176 3.55 -24.67 -7.37
C VAL B 176 3.03 -25.84 -6.55
N GLU B 177 3.32 -27.08 -6.95
CA GLU B 177 2.80 -28.21 -6.22
C GLU B 177 3.33 -28.21 -4.78
N CYS B 178 4.60 -27.84 -4.58
CA CYS B 178 5.13 -27.74 -3.23
C CYS B 178 4.34 -26.72 -2.39
N ARG B 179 4.03 -25.58 -3.01
CA ARG B 179 3.30 -24.53 -2.30
C ARG B 179 1.87 -24.95 -1.92
N VAL B 180 1.29 -25.83 -2.71
CA VAL B 180 -0.08 -26.30 -2.45
C VAL B 180 -0.17 -27.06 -1.13
N PHE B 181 0.90 -27.74 -0.76
CA PHE B 181 0.91 -28.55 0.45
C PHE B 181 1.72 -27.87 1.53
N LYS B 182 1.06 -27.42 2.59
CA LYS B 182 1.71 -26.64 3.63
C LYS B 182 2.43 -27.51 4.64
N THR B 183 3.63 -27.07 5.01
CA THR B 183 4.36 -27.73 6.07
C THR B 183 3.80 -27.35 7.42
N ASP B 184 4.17 -28.11 8.43
CA ASP B 184 3.76 -27.81 9.79
C ASP B 184 4.26 -26.43 10.20
N MET B 185 5.47 -26.04 9.79
CA MET B 185 5.96 -24.69 10.08
C MET B 185 5.10 -23.63 9.40
N GLU B 186 4.67 -23.87 8.17
CA GLU B 186 3.80 -22.91 7.49
C GLU B 186 2.45 -22.82 8.19
N LEU B 187 1.94 -23.96 8.63
CA LEU B 187 0.66 -23.98 9.33
C LEU B 187 0.74 -23.17 10.61
N GLU B 188 1.89 -23.17 11.29
CA GLU B 188 2.01 -22.34 12.48
C GLU B 188 1.79 -20.87 12.14
N VAL B 189 2.28 -20.43 10.99
CA VAL B 189 2.13 -19.02 10.65
C VAL B 189 0.67 -18.74 10.31
N LEU B 190 0.00 -19.65 9.61
CA LEU B 190 -1.39 -19.43 9.26
C LEU B 190 -2.35 -19.53 10.45
N ARG B 191 -1.98 -20.30 11.47
CA ARG B 191 -2.71 -20.30 12.73
C ARG B 191 -2.60 -18.93 13.39
N TYR B 192 -1.41 -18.33 13.32
CA TYR B 192 -1.17 -17.02 13.89
C TYR B 192 -1.93 -15.92 13.14
N THR B 193 -1.86 -15.91 11.82
CA THR B 193 -2.56 -14.89 11.06
C THR B 193 -4.06 -15.00 11.33
N ASN B 194 -4.57 -16.23 11.39
CA ASN B 194 -5.99 -16.40 11.72
C ASN B 194 -6.32 -15.93 13.12
N LYS B 195 -5.40 -16.15 14.07
CA LYS B 195 -5.61 -15.67 15.42
C LYS B 195 -5.74 -14.15 15.43
N ILE B 196 -4.79 -13.44 14.82
CA ILE B 196 -4.82 -11.99 14.87
C ILE B 196 -6.05 -11.46 14.14
N PHE B 197 -6.34 -11.99 12.97
N PHE B 197 -6.33 -11.99 12.95
CA PHE B 197 -7.50 -11.53 12.22
CA PHE B 197 -7.49 -11.50 12.17
C PHE B 197 -8.80 -11.84 12.90
C PHE B 197 -8.79 -11.82 12.92
N SER B 198 -8.86 -12.98 13.57
CA SER B 198 -10.05 -13.30 14.32
C SER B 198 -10.25 -12.29 15.46
N GLU B 199 -9.16 -11.97 16.17
CA GLU B 199 -9.22 -10.96 17.22
C GLU B 199 -9.67 -9.61 16.66
N ALA B 200 -9.15 -9.22 15.51
CA ALA B 200 -9.48 -7.93 14.92
C ALA B 200 -10.96 -7.89 14.48
N HIS B 201 -11.45 -8.99 13.93
CA HIS B 201 -12.87 -9.06 13.58
C HIS B 201 -13.75 -8.91 14.81
N ARG B 202 -13.36 -9.51 15.92
CA ARG B 202 -14.08 -9.34 17.17
C ARG B 202 -14.06 -7.89 17.61
N GLU B 203 -12.93 -7.22 17.48
CA GLU B 203 -12.85 -5.82 17.88
C GLU B 203 -13.76 -4.94 17.01
N VAL B 204 -13.86 -5.25 15.72
CA VAL B 204 -14.72 -4.49 14.82
C VAL B 204 -16.19 -4.71 15.21
N MET B 205 -16.58 -5.95 15.48
CA MET B 205 -17.95 -6.22 15.89
C MET B 205 -18.27 -5.52 17.19
N LYS B 206 -17.31 -5.41 18.10
CA LYS B 206 -17.52 -4.70 19.36
C LYS B 206 -17.64 -3.18 19.17
N ALA B 207 -16.92 -2.65 18.19
CA ALA B 207 -16.81 -1.20 18.03
C ALA B 207 -17.84 -0.59 17.10
N VAL B 208 -18.40 -1.38 16.20
CA VAL B 208 -19.24 -0.81 15.19
C VAL B 208 -20.48 -0.15 15.80
N LYS B 209 -20.80 1.03 15.27
CA LYS B 209 -21.98 1.78 15.68
C LYS B 209 -22.69 2.29 14.43
N VAL B 210 -24.02 2.26 14.46
CA VAL B 210 -24.77 2.92 13.42
C VAL B 210 -24.30 4.37 13.30
N GLY B 211 -24.13 4.84 12.06
CA GLY B 211 -23.66 6.19 11.81
C GLY B 211 -22.19 6.29 11.43
N MET B 212 -21.42 5.25 11.70
CA MET B 212 -20.01 5.22 11.26
C MET B 212 -19.92 5.04 9.77
N LYS B 213 -18.83 5.55 9.17
CA LYS B 213 -18.48 5.18 7.82
C LYS B 213 -17.84 3.79 7.80
N GLU B 214 -18.11 3.03 6.75
CA GLU B 214 -17.47 1.73 6.57
C GLU B 214 -15.95 1.78 6.79
N TYR B 215 -15.31 2.83 6.25
CA TYR B 215 -13.84 2.87 6.28
C TYR B 215 -13.32 3.11 7.70
N GLU B 216 -14.15 3.60 8.61
CA GLU B 216 -13.71 3.71 9.99
C GLU B 216 -13.43 2.35 10.57
N LEU B 217 -14.21 1.35 10.18
CA LEU B 217 -14.00 -0.02 10.66
C LEU B 217 -12.82 -0.66 9.95
N GLU B 218 -12.65 -0.39 8.67
CA GLU B 218 -11.47 -0.85 7.94
C GLU B 218 -10.22 -0.35 8.67
N SER B 219 -10.22 0.93 9.02
CA SER B 219 -9.07 1.52 9.69
C SER B 219 -8.78 0.86 11.06
N LEU B 220 -9.82 0.66 11.84
CA LEU B 220 -9.68 0.02 13.14
C LEU B 220 -9.11 -1.39 12.98
N PHE B 221 -9.67 -2.15 12.04
CA PHE B 221 -9.15 -3.49 11.79
C PHE B 221 -7.66 -3.49 11.46
N GLU B 222 -7.27 -2.62 10.54
CA GLU B 222 -5.88 -2.53 10.12
C GLU B 222 -4.99 -2.14 11.29
N HIS B 223 -5.48 -1.22 12.13
CA HIS B 223 -4.71 -0.78 13.29
C HIS B 223 -4.49 -1.92 14.28
N TYR B 224 -5.52 -2.72 14.53
CA TYR B 224 -5.32 -3.86 15.39
C TYR B 224 -4.28 -4.79 14.80
N CYS B 225 -4.44 -5.12 13.53
CA CYS B 225 -3.56 -6.10 12.93
C CYS B 225 -2.11 -5.65 12.90
N TYR B 226 -1.88 -4.38 12.62
CA TYR B 226 -0.52 -3.87 12.57
C TYR B 226 0.04 -3.70 13.97
N SER B 227 -0.61 -2.91 14.82
CA SER B 227 -0.04 -2.61 16.12
C SER B 227 0.06 -3.84 17.03
N ARG B 228 -0.89 -4.76 16.95
CA ARG B 228 -0.88 -5.94 17.82
C ARG B 228 -0.34 -7.18 17.14
N GLY B 229 -0.42 -7.24 15.81
CA GLY B 229 -0.02 -8.44 15.08
C GLY B 229 1.22 -8.32 14.23
N GLY B 230 1.71 -7.08 14.00
CA GLY B 230 2.82 -6.87 13.12
C GLY B 230 2.46 -7.09 11.66
N MET B 231 1.17 -7.03 11.36
CA MET B 231 0.73 -7.24 9.99
C MET B 231 0.64 -5.86 9.31
N ARG B 232 1.71 -5.51 8.59
CA ARG B 232 1.86 -4.22 7.93
C ARG B 232 1.23 -4.22 6.54
N HIS B 233 1.54 -5.24 5.74
CA HIS B 233 1.13 -5.29 4.34
C HIS B 233 -0.30 -5.81 4.23
N SER B 234 -1.03 -5.31 3.23
CA SER B 234 -2.34 -5.86 2.90
C SER B 234 -2.19 -6.92 1.80
N SER B 235 -2.93 -8.02 1.93
CA SER B 235 -2.88 -9.09 0.95
C SER B 235 -4.07 -8.98 0.00
N TYR B 236 -4.98 -8.05 0.32
CA TYR B 236 -5.93 -7.51 -0.65
C TYR B 236 -6.70 -6.42 0.09
N THR B 237 -7.35 -5.53 -0.64
CA THR B 237 -8.09 -4.41 -0.07
C THR B 237 -9.35 -4.84 0.72
N CYS B 238 -9.48 -4.39 1.97
CA CYS B 238 -10.63 -4.79 2.81
C CYS B 238 -11.95 -4.46 2.16
N ILE B 239 -12.89 -5.40 2.30
CA ILE B 239 -14.22 -5.25 1.76
C ILE B 239 -15.10 -4.97 2.98
N CYS B 240 -15.51 -3.72 3.16
CA CYS B 240 -16.39 -3.37 4.28
C CYS B 240 -17.72 -2.88 3.77
N GLY B 241 -18.57 -3.84 3.41
CA GLY B 241 -19.80 -3.55 2.70
C GLY B 241 -21.01 -3.49 3.63
N SER B 242 -21.63 -2.32 3.72
CA SER B 242 -22.83 -2.17 4.54
C SER B 242 -24.03 -2.02 3.63
N GLY B 243 -25.17 -2.48 4.11
CA GLY B 243 -26.40 -2.37 3.36
C GLY B 243 -26.26 -3.05 2.02
N GLU B 244 -26.77 -2.39 0.98
CA GLU B 244 -26.74 -2.98 -0.35
C GLU B 244 -25.32 -3.27 -0.82
N ASN B 245 -24.33 -2.61 -0.21
CA ASN B 245 -22.95 -2.84 -0.67
C ASN B 245 -22.47 -4.23 -0.35
N SER B 246 -23.15 -4.91 0.58
CA SER B 246 -22.74 -6.27 0.91
C SER B 246 -23.09 -7.24 -0.23
N ALA B 247 -23.83 -6.80 -1.24
CA ALA B 247 -24.05 -7.63 -2.43
C ALA B 247 -22.98 -7.44 -3.50
N VAL B 248 -22.05 -6.50 -3.28
CA VAL B 248 -20.97 -6.24 -4.23
C VAL B 248 -19.74 -7.01 -3.78
N LEU B 249 -19.37 -8.04 -4.54
CA LEU B 249 -18.47 -9.08 -4.00
C LEU B 249 -17.06 -8.59 -3.64
N HIS B 250 -16.51 -7.69 -4.45
CA HIS B 250 -15.20 -7.09 -4.17
C HIS B 250 -15.32 -5.58 -3.95
N TYR B 251 -16.41 -5.17 -3.31
CA TYR B 251 -16.60 -3.79 -2.87
C TYR B 251 -15.37 -3.28 -2.10
N GLY B 252 -15.08 -1.99 -2.18
CA GLY B 252 -14.05 -1.40 -1.33
C GLY B 252 -12.83 -0.90 -2.07
N HIS B 253 -12.75 -1.22 -3.36
CA HIS B 253 -11.68 -0.75 -4.22
C HIS B 253 -11.81 0.76 -4.50
N ALA B 254 -10.83 1.32 -5.23
CA ALA B 254 -10.79 2.76 -5.47
C ALA B 254 -12.09 3.33 -6.04
N GLY B 255 -12.78 2.54 -6.86
CA GLY B 255 -14.06 2.92 -7.47
C GLY B 255 -15.27 2.89 -6.54
N ALA B 256 -15.13 2.19 -5.41
CA ALA B 256 -16.21 2.02 -4.43
C ALA B 256 -15.60 1.94 -3.04
N PRO B 257 -15.00 3.05 -2.56
CA PRO B 257 -13.99 3.02 -1.49
C PRO B 257 -14.53 3.03 -0.03
N ASN B 258 -15.47 2.14 0.27
CA ASN B 258 -15.91 1.98 1.64
C ASN B 258 -16.35 3.32 2.27
N ASP B 259 -17.09 4.15 1.56
CA ASP B 259 -17.50 5.44 2.12
C ASP B 259 -19.00 5.62 2.37
N ARG B 260 -19.69 4.51 2.56
CA ARG B 260 -21.10 4.57 2.93
C ARG B 260 -21.30 4.67 4.44
N THR B 261 -22.30 5.46 4.83
CA THR B 261 -22.67 5.55 6.22
C THR B 261 -23.49 4.33 6.61
N ILE B 262 -23.07 3.66 7.68
CA ILE B 262 -23.80 2.48 8.16
C ILE B 262 -25.13 2.91 8.82
N GLN B 263 -26.21 2.25 8.42
CA GLN B 263 -27.56 2.62 8.86
CA GLN B 263 -27.56 2.62 8.86
C GLN B 263 -28.19 1.56 9.76
N ASN B 264 -29.10 1.99 10.64
CA ASN B 264 -29.88 1.05 11.43
C ASN B 264 -30.61 0.11 10.50
N GLY B 265 -30.52 -1.18 10.80
CA GLY B 265 -31.21 -2.19 9.99
C GLY B 265 -30.32 -2.82 8.92
N ASP B 266 -29.17 -2.22 8.64
CA ASP B 266 -28.25 -2.76 7.65
C ASP B 266 -27.70 -4.07 8.12
N MET B 267 -27.41 -4.97 7.17
CA MET B 267 -26.43 -6.01 7.39
C MET B 267 -25.05 -5.51 6.96
N CYS B 268 -24.04 -5.95 7.71
CA CYS B 268 -22.66 -5.66 7.36
C CYS B 268 -21.97 -6.93 6.91
N LEU B 269 -21.15 -6.82 5.88
CA LEU B 269 -20.36 -7.93 5.39
C LEU B 269 -18.93 -7.42 5.35
N PHE B 270 -18.09 -7.90 6.27
CA PHE B 270 -16.73 -7.41 6.42
C PHE B 270 -15.75 -8.54 6.09
N ASP B 271 -15.12 -8.41 4.92
CA ASP B 271 -14.21 -9.38 4.39
C ASP B 271 -12.85 -8.73 4.50
N MET B 272 -12.14 -9.09 5.55
N MET B 272 -11.97 -9.30 5.31
CA MET B 272 -11.00 -8.32 6.00
CA MET B 272 -10.58 -8.83 5.39
C MET B 272 -9.91 -9.33 6.24
C MET B 272 -9.52 -9.85 4.97
N GLY B 273 -8.75 -9.07 5.67
N GLY B 273 -8.53 -9.38 4.21
CA GLY B 273 -7.68 -10.05 5.48
CA GLY B 273 -7.35 -10.17 3.93
C GLY B 273 -6.34 -9.33 5.49
C GLY B 273 -6.11 -9.38 4.26
N GLY B 274 -5.28 -10.05 5.14
N GLY B 274 -5.12 -10.08 4.79
CA GLY B 274 -3.93 -9.49 5.19
CA GLY B 274 -3.88 -9.45 5.18
C GLY B 274 -2.90 -10.57 5.35
C GLY B 274 -2.84 -10.53 5.20
N GLU B 275 -1.69 -10.19 5.76
CA GLU B 275 -0.58 -11.14 5.83
C GLU B 275 0.42 -10.78 6.92
N TYR B 276 1.10 -11.82 7.41
CA TYR B 276 2.23 -11.68 8.31
C TYR B 276 3.42 -12.34 7.64
N TYR B 277 4.48 -11.59 7.40
CA TYR B 277 5.67 -12.15 6.76
C TYR B 277 5.29 -12.91 5.49
N CYS B 278 4.42 -12.28 4.69
CA CYS B 278 3.92 -12.81 3.40
C CYS B 278 3.12 -14.09 3.50
N PHE B 279 2.59 -14.41 4.66
CA PHE B 279 1.64 -15.51 4.78
C PHE B 279 0.24 -14.93 5.01
N ALA B 280 -0.69 -15.28 4.14
CA ALA B 280 -1.99 -14.60 4.13
C ALA B 280 -3.04 -15.24 4.99
N SER B 281 -4.01 -14.47 5.34
CA SER B 281 -5.31 -15.11 5.62
C SER B 281 -6.46 -14.14 5.32
N ASP B 282 -7.62 -14.77 5.22
CA ASP B 282 -8.74 -14.14 4.53
C ASP B 282 -10.00 -14.58 5.30
N ILE B 283 -10.64 -13.67 6.03
CA ILE B 283 -11.79 -14.02 6.89
C ILE B 283 -12.90 -13.04 6.61
N THR B 284 -14.14 -13.56 6.57
CA THR B 284 -15.32 -12.72 6.37
C THR B 284 -16.31 -13.01 7.51
N CYS B 285 -16.80 -11.94 8.11
CA CYS B 285 -17.82 -11.96 9.16
C CYS B 285 -18.99 -11.12 8.66
N SER B 286 -20.20 -11.59 8.90
CA SER B 286 -21.40 -10.85 8.59
C SER B 286 -22.20 -10.66 9.86
N PHE B 287 -22.81 -9.49 10.01
CA PHE B 287 -23.50 -9.18 11.25
C PHE B 287 -24.40 -7.97 11.06
N PRO B 288 -25.45 -7.85 11.88
CA PRO B 288 -26.32 -6.68 11.82
C PRO B 288 -25.63 -5.46 12.39
N ALA B 289 -25.72 -4.33 11.69
CA ALA B 289 -25.07 -3.10 12.14
C ALA B 289 -25.48 -2.72 13.56
N ASN B 290 -26.74 -2.95 13.93
CA ASN B 290 -27.23 -2.49 15.24
C ASN B 290 -27.12 -3.56 16.34
N GLY B 291 -26.48 -4.67 16.02
CA GLY B 291 -26.21 -5.69 17.01
C GLY B 291 -27.34 -6.67 17.31
N LYS B 292 -28.46 -6.53 16.60
CA LYS B 292 -29.62 -7.41 16.79
C LYS B 292 -30.14 -7.92 15.45
N PHE B 293 -30.07 -9.22 15.22
CA PHE B 293 -30.62 -9.76 13.98
C PHE B 293 -32.13 -9.66 13.96
N THR B 294 -32.69 -9.13 12.87
CA THR B 294 -34.11 -9.28 12.59
C THR B 294 -34.41 -10.73 12.17
N ALA B 295 -35.69 -11.09 12.10
CA ALA B 295 -36.04 -12.42 11.63
C ALA B 295 -35.52 -12.71 10.22
N ASP B 296 -35.68 -11.74 9.32
CA ASP B 296 -35.21 -11.91 7.97
C ASP B 296 -33.69 -12.08 7.94
N GLN B 297 -32.97 -11.27 8.73
CA GLN B 297 -31.52 -11.34 8.74
C GLN B 297 -31.06 -12.66 9.32
N LYS B 298 -31.72 -13.12 10.38
CA LYS B 298 -31.41 -14.40 10.97
C LYS B 298 -31.58 -15.50 9.94
N ALA B 299 -32.66 -15.43 9.18
CA ALA B 299 -32.95 -16.52 8.23
C ALA B 299 -31.88 -16.59 7.14
N VAL B 300 -31.54 -15.46 6.53
CA VAL B 300 -30.51 -15.48 5.48
C VAL B 300 -29.17 -15.90 6.07
N TYR B 301 -28.82 -15.30 7.21
CA TYR B 301 -27.56 -15.59 7.85
C TYR B 301 -27.43 -17.10 8.20
N GLU B 302 -28.47 -17.67 8.81
CA GLU B 302 -28.41 -19.07 9.25
C GLU B 302 -28.41 -20.04 8.06
N ALA B 303 -28.89 -19.59 6.90
CA ALA B 303 -28.80 -20.37 5.67
C ALA B 303 -27.34 -20.54 5.27
N VAL B 304 -26.56 -19.45 5.34
CA VAL B 304 -25.15 -19.51 5.02
C VAL B 304 -24.38 -20.24 6.13
N LEU B 305 -24.82 -20.08 7.38
CA LEU B 305 -24.17 -20.81 8.47
C LEU B 305 -24.33 -22.31 8.25
N ARG B 306 -25.52 -22.71 7.80
CA ARG B 306 -25.78 -24.12 7.56
C ARG B 306 -24.89 -24.68 6.45
N SER B 307 -24.77 -23.93 5.35
CA SER B 307 -23.95 -24.44 4.24
C SER B 307 -22.47 -24.47 4.66
N SER B 308 -22.03 -23.43 5.36
CA SER B 308 -20.67 -23.39 5.89
C SER B 308 -20.35 -24.64 6.72
N ARG B 309 -21.22 -24.97 7.67
CA ARG B 309 -20.96 -26.08 8.56
C ARG B 309 -21.14 -27.42 7.83
N ALA B 310 -22.02 -27.48 6.85
CA ALA B 310 -22.17 -28.72 6.09
C ALA B 310 -20.91 -29.02 5.28
N VAL B 311 -20.38 -28.00 4.64
CA VAL B 311 -19.16 -28.17 3.85
C VAL B 311 -18.02 -28.54 4.79
N MET B 312 -17.86 -27.82 5.89
CA MET B 312 -16.77 -28.13 6.79
C MET B 312 -16.86 -29.57 7.31
N GLY B 313 -18.07 -30.05 7.56
CA GLY B 313 -18.25 -31.39 8.08
C GLY B 313 -18.04 -32.47 7.04
N ALA B 314 -18.17 -32.12 5.77
CA ALA B 314 -18.02 -33.05 4.65
C ALA B 314 -16.60 -33.10 4.08
N MET B 315 -15.84 -32.04 4.28
CA MET B 315 -14.48 -31.98 3.73
C MET B 315 -13.54 -33.00 4.33
N LYS B 316 -12.82 -33.70 3.46
CA LYS B 316 -11.84 -34.68 3.89
C LYS B 316 -11.07 -35.10 2.65
N PRO B 317 -9.96 -35.80 2.83
CA PRO B 317 -9.20 -36.23 1.63
C PRO B 317 -10.06 -37.02 0.66
N GLY B 318 -9.90 -36.74 -0.63
CA GLY B 318 -10.65 -37.45 -1.67
C GLY B 318 -11.91 -36.77 -2.14
N VAL B 319 -12.39 -35.81 -1.36
CA VAL B 319 -13.57 -35.06 -1.74
C VAL B 319 -13.22 -34.17 -2.94
N TRP B 320 -14.10 -34.12 -3.92
CA TRP B 320 -13.93 -33.27 -5.10
C TRP B 320 -14.48 -31.90 -4.79
N TRP B 321 -13.66 -30.85 -4.86
CA TRP B 321 -14.12 -29.55 -4.38
C TRP B 321 -15.40 -29.02 -5.09
N PRO B 322 -15.56 -29.26 -6.41
CA PRO B 322 -16.83 -28.86 -7.04
C PRO B 322 -18.08 -29.49 -6.39
N ASP B 323 -17.96 -30.69 -5.83
CA ASP B 323 -19.09 -31.31 -5.11
C ASP B 323 -19.42 -30.51 -3.86
N MET B 324 -18.43 -29.90 -3.21
CA MET B 324 -18.72 -29.07 -2.04
C MET B 324 -19.43 -27.80 -2.47
N HIS B 325 -19.03 -27.22 -3.60
CA HIS B 325 -19.72 -26.04 -4.11
C HIS B 325 -21.20 -26.37 -4.39
N ARG B 326 -21.46 -27.50 -5.04
CA ARG B 326 -22.83 -27.89 -5.33
CA ARG B 326 -22.83 -27.88 -5.33
C ARG B 326 -23.62 -28.20 -4.05
N LEU B 327 -22.95 -28.74 -3.05
CA LEU B 327 -23.58 -28.97 -1.75
C LEU B 327 -24.07 -27.65 -1.15
N ALA B 328 -23.20 -26.65 -1.18
CA ALA B 328 -23.58 -25.32 -0.69
C ALA B 328 -24.76 -24.76 -1.48
N ASP B 329 -24.72 -24.86 -2.80
CA ASP B 329 -25.82 -24.41 -3.64
C ASP B 329 -27.12 -25.07 -3.21
N ARG B 330 -27.09 -26.40 -3.02
CA ARG B 330 -28.33 -27.12 -2.68
C ARG B 330 -28.86 -26.66 -1.35
N ILE B 331 -27.97 -26.47 -0.37
CA ILE B 331 -28.40 -26.02 0.95
C ILE B 331 -28.95 -24.61 0.86
N HIS B 332 -28.30 -23.69 0.13
CA HIS B 332 -28.85 -22.34 -0.01
C HIS B 332 -30.26 -22.36 -0.59
N LEU B 333 -30.44 -23.15 -1.65
CA LEU B 333 -31.75 -23.24 -2.28
C LEU B 333 -32.78 -23.83 -1.32
N GLU B 334 -32.42 -24.87 -0.58
CA GLU B 334 -33.35 -25.41 0.40
C GLU B 334 -33.77 -24.37 1.41
N GLU B 335 -32.80 -23.60 1.90
CA GLU B 335 -33.11 -22.65 2.96
C GLU B 335 -33.87 -21.44 2.43
N LEU B 336 -33.57 -21.01 1.22
CA LEU B 336 -34.32 -19.93 0.62
C LEU B 336 -35.76 -20.34 0.36
N ALA B 337 -35.98 -21.62 0.08
CA ALA B 337 -37.33 -22.13 -0.04
C ALA B 337 -38.00 -22.20 1.34
N HIS B 338 -37.25 -22.63 2.36
CA HIS B 338 -37.79 -22.66 3.73
C HIS B 338 -38.19 -21.26 4.21
N MET B 339 -37.58 -20.22 3.64
CA MET B 339 -37.88 -18.81 3.95
CA MET B 339 -37.93 -18.84 4.01
C MET B 339 -39.04 -18.25 3.17
N GLY B 340 -39.47 -18.97 2.14
CA GLY B 340 -40.54 -18.51 1.26
C GLY B 340 -40.10 -17.67 0.07
N ILE B 341 -38.80 -17.46 -0.08
CA ILE B 341 -38.29 -16.71 -1.21
C ILE B 341 -38.41 -17.53 -2.50
N LEU B 342 -38.21 -18.85 -2.37
CA LEU B 342 -38.34 -19.81 -3.48
C LEU B 342 -39.43 -20.82 -3.17
N SER B 343 -40.05 -21.36 -4.23
CA SER B 343 -40.97 -22.48 -4.10
C SER B 343 -40.76 -23.45 -5.24
N GLY B 344 -41.13 -24.69 -5.01
CA GLY B 344 -41.08 -25.70 -6.05
C GLY B 344 -40.08 -26.76 -5.68
N SER B 345 -39.71 -27.57 -6.67
CA SER B 345 -38.77 -28.65 -6.45
C SER B 345 -37.32 -28.17 -6.41
N VAL B 346 -36.66 -28.41 -5.29
CA VAL B 346 -35.28 -28.00 -5.15
C VAL B 346 -34.37 -28.76 -6.13
N ASP B 347 -34.69 -30.02 -6.40
CA ASP B 347 -33.98 -30.76 -7.43
C ASP B 347 -34.03 -30.04 -8.78
N ALA B 348 -35.20 -29.52 -9.13
CA ALA B 348 -35.37 -28.79 -10.38
C ALA B 348 -34.61 -27.46 -10.37
N MET B 349 -34.59 -26.80 -9.21
CA MET B 349 -33.84 -25.55 -9.08
C MET B 349 -32.35 -25.78 -9.36
N VAL B 350 -31.82 -26.85 -8.79
CA VAL B 350 -30.41 -27.22 -9.00
C VAL B 350 -30.12 -27.50 -10.46
N GLN B 351 -31.04 -28.21 -11.12
CA GLN B 351 -30.88 -28.54 -12.52
C GLN B 351 -30.87 -27.28 -13.37
N ALA B 352 -31.55 -26.24 -12.88
CA ALA B 352 -31.60 -24.94 -13.55
C ALA B 352 -30.48 -23.99 -13.15
N HIS B 353 -29.54 -24.48 -12.36
CA HIS B 353 -28.41 -23.68 -11.86
C HIS B 353 -28.86 -22.44 -11.07
N LEU B 354 -29.96 -22.56 -10.34
CA LEU B 354 -30.51 -21.41 -9.64
C LEU B 354 -29.60 -20.95 -8.48
N GLY B 355 -28.78 -21.86 -7.95
CA GLY B 355 -27.88 -21.49 -6.86
C GLY B 355 -26.94 -20.37 -7.20
N ALA B 356 -26.53 -20.31 -8.47
CA ALA B 356 -25.58 -19.31 -8.93
C ALA B 356 -26.18 -17.90 -8.95
N VAL B 357 -27.50 -17.79 -8.96
CA VAL B 357 -28.13 -16.47 -8.85
C VAL B 357 -27.80 -15.85 -7.51
N PHE B 358 -27.75 -16.69 -6.48
CA PHE B 358 -27.57 -16.23 -5.10
C PHE B 358 -26.13 -16.30 -4.62
N MET B 359 -25.34 -17.18 -5.24
CA MET B 359 -23.90 -17.25 -4.96
C MET B 359 -23.14 -17.32 -6.28
N PRO B 360 -22.83 -16.16 -6.89
CA PRO B 360 -22.23 -16.19 -8.23
C PRO B 360 -20.72 -16.51 -8.25
N HIS B 361 -20.10 -16.60 -7.09
CA HIS B 361 -18.68 -16.87 -6.95
C HIS B 361 -18.39 -18.29 -6.51
N GLY B 362 -17.11 -18.67 -6.56
CA GLY B 362 -16.74 -19.99 -6.10
C GLY B 362 -16.82 -20.16 -4.60
N LEU B 363 -17.09 -21.39 -4.17
CA LEU B 363 -17.20 -21.68 -2.75
C LEU B 363 -15.97 -21.30 -1.92
N GLY B 364 -14.78 -21.51 -2.46
CA GLY B 364 -13.59 -21.09 -1.75
C GLY B 364 -12.37 -21.50 -2.56
N HIS B 365 -11.19 -21.11 -2.05
CA HIS B 365 -9.96 -21.17 -2.84
C HIS B 365 -8.78 -21.58 -1.99
N PHE B 366 -7.73 -22.06 -2.64
CA PHE B 366 -6.47 -22.25 -1.95
C PHE B 366 -5.99 -20.94 -1.37
N LEU B 367 -5.31 -21.04 -0.24
CA LEU B 367 -4.78 -19.91 0.53
C LEU B 367 -3.34 -20.24 0.95
N GLY B 368 -2.46 -19.25 0.88
CA GLY B 368 -1.11 -19.50 1.34
C GLY B 368 -0.33 -18.20 1.34
N ILE B 369 0.77 -18.16 0.59
CA ILE B 369 1.53 -16.92 0.50
C ILE B 369 0.76 -15.87 -0.31
N ASP B 370 -0.08 -16.31 -1.23
CA ASP B 370 -1.07 -15.44 -1.85
C ASP B 370 -2.46 -15.76 -1.29
N VAL B 371 -3.32 -14.74 -1.21
CA VAL B 371 -4.69 -14.95 -0.73
C VAL B 371 -5.42 -15.91 -1.67
N HIS B 372 -5.29 -15.69 -2.99
CA HIS B 372 -5.73 -16.67 -3.98
C HIS B 372 -4.50 -17.46 -4.37
N ASP B 373 -4.27 -18.56 -3.68
CA ASP B 373 -2.96 -19.21 -3.78
C ASP B 373 -2.87 -20.04 -5.04
N VAL B 374 -1.62 -20.36 -5.38
CA VAL B 374 -1.30 -21.05 -6.62
C VAL B 374 -1.74 -22.51 -6.62
N GLY B 375 -1.84 -23.05 -7.81
CA GLY B 375 -2.01 -24.49 -7.98
C GLY B 375 -3.43 -25.02 -8.05
N GLY B 376 -4.42 -24.14 -8.18
CA GLY B 376 -5.80 -24.63 -8.27
C GLY B 376 -6.13 -25.38 -9.55
N TYR B 377 -5.45 -25.09 -10.65
CA TYR B 377 -5.74 -25.69 -11.95
C TYR B 377 -4.45 -26.11 -12.63
N PRO B 378 -3.79 -27.11 -12.06
CA PRO B 378 -2.63 -27.69 -12.75
C PRO B 378 -3.06 -28.39 -14.03
N GLU B 379 -2.10 -28.70 -14.90
CA GLU B 379 -2.40 -29.37 -16.16
C GLU B 379 -3.29 -30.58 -15.94
N GLY B 380 -4.39 -30.62 -16.68
CA GLY B 380 -5.32 -31.73 -16.60
C GLY B 380 -6.54 -31.49 -15.74
N VAL B 381 -6.53 -30.40 -14.98
CA VAL B 381 -7.67 -30.05 -14.12
C VAL B 381 -8.42 -28.92 -14.82
N GLU B 382 -9.67 -29.20 -15.20
CA GLU B 382 -10.44 -28.31 -16.06
C GLU B 382 -11.44 -27.48 -15.26
N ARG B 383 -11.64 -26.25 -15.74
CA ARG B 383 -12.67 -25.37 -15.19
C ARG B 383 -14.01 -25.85 -15.71
N ILE B 384 -15.00 -25.92 -14.83
CA ILE B 384 -16.33 -26.39 -15.20
C ILE B 384 -17.15 -25.23 -15.72
N ASP B 385 -17.66 -25.37 -16.94
CA ASP B 385 -18.35 -24.29 -17.63
C ASP B 385 -19.82 -24.26 -17.26
N GLU B 386 -20.08 -23.93 -16.00
CA GLU B 386 -21.46 -23.77 -15.51
C GLU B 386 -21.50 -22.55 -14.61
N PRO B 387 -22.67 -21.91 -14.48
CA PRO B 387 -22.80 -20.80 -13.53
C PRO B 387 -22.32 -21.16 -12.12
N GLY B 388 -21.59 -20.24 -11.49
CA GLY B 388 -21.07 -20.49 -10.15
C GLY B 388 -19.78 -21.29 -10.17
N LEU B 389 -19.87 -22.52 -10.66
CA LEU B 389 -18.73 -23.41 -10.70
C LEU B 389 -17.61 -22.86 -11.57
N ARG B 390 -17.94 -22.11 -12.63
CA ARG B 390 -16.89 -21.57 -13.49
C ARG B 390 -16.02 -20.54 -12.74
N SER B 391 -16.52 -20.01 -11.63
CA SER B 391 -15.79 -19.05 -10.80
C SER B 391 -14.93 -19.72 -9.71
N LEU B 392 -15.03 -21.05 -9.59
CA LEU B 392 -14.20 -21.77 -8.64
C LEU B 392 -12.74 -21.57 -8.99
N ARG B 393 -11.91 -21.34 -7.98
CA ARG B 393 -10.49 -21.14 -8.23
C ARG B 393 -9.69 -22.44 -8.15
N THR B 394 -10.37 -23.55 -7.85
CA THR B 394 -9.81 -24.87 -8.04
C THR B 394 -10.90 -25.90 -8.27
N ALA B 395 -10.60 -26.88 -9.12
CA ALA B 395 -11.47 -28.05 -9.29
C ALA B 395 -10.75 -29.33 -8.90
N ARG B 396 -9.77 -29.21 -8.01
CA ARG B 396 -9.06 -30.36 -7.52
C ARG B 396 -9.82 -31.17 -6.46
N HIS B 397 -9.35 -32.41 -6.27
CA HIS B 397 -9.70 -33.18 -5.10
C HIS B 397 -8.86 -32.79 -3.91
N LEU B 398 -9.47 -32.82 -2.73
CA LEU B 398 -8.78 -32.42 -1.50
C LEU B 398 -7.78 -33.48 -1.07
N GLN B 399 -6.64 -33.03 -0.57
CA GLN B 399 -5.60 -33.89 -0.01
CA GLN B 399 -5.68 -33.93 0.06
C GLN B 399 -5.04 -33.24 1.25
N PRO B 400 -4.52 -34.04 2.19
CA PRO B 400 -3.95 -33.43 3.40
C PRO B 400 -2.85 -32.42 3.11
N GLY B 401 -2.92 -31.32 3.85
CA GLY B 401 -1.96 -30.24 3.74
C GLY B 401 -2.41 -29.05 2.92
N MET B 402 -3.46 -29.22 2.13
CA MET B 402 -4.07 -28.10 1.41
C MET B 402 -4.71 -27.18 2.41
N VAL B 403 -4.65 -25.88 2.12
CA VAL B 403 -5.32 -24.86 2.93
C VAL B 403 -6.33 -24.16 2.03
N LEU B 404 -7.58 -24.14 2.47
CA LEU B 404 -8.72 -23.66 1.67
C LEU B 404 -9.48 -22.62 2.46
N THR B 405 -10.07 -21.67 1.76
CA THR B 405 -11.17 -20.93 2.35
C THR B 405 -12.48 -21.68 2.08
N VAL B 406 -13.39 -21.55 3.04
CA VAL B 406 -14.77 -22.03 2.91
C VAL B 406 -15.63 -20.80 3.06
N GLU B 407 -16.19 -20.28 1.97
CA GLU B 407 -16.84 -18.98 2.01
C GLU B 407 -18.12 -18.93 1.18
N PRO B 408 -19.09 -19.78 1.54
CA PRO B 408 -20.41 -19.61 0.92
C PRO B 408 -20.99 -18.25 1.26
N GLY B 409 -21.88 -17.78 0.40
CA GLY B 409 -22.66 -16.59 0.67
C GLY B 409 -23.96 -16.63 -0.09
N ILE B 410 -24.89 -15.78 0.35
CA ILE B 410 -26.15 -15.54 -0.34
C ILE B 410 -26.28 -14.03 -0.50
N TYR B 411 -26.53 -13.58 -1.73
CA TYR B 411 -26.68 -12.16 -2.03
C TYR B 411 -27.92 -11.94 -2.86
N PHE B 412 -28.42 -10.70 -2.81
CA PHE B 412 -29.60 -10.28 -3.57
C PHE B 412 -29.15 -9.23 -4.56
N ILE B 413 -28.76 -9.71 -5.73
CA ILE B 413 -28.10 -8.92 -6.76
C ILE B 413 -29.12 -8.66 -7.85
N ASP B 414 -29.54 -7.41 -8.01
CA ASP B 414 -30.71 -7.12 -8.83
C ASP B 414 -30.60 -7.66 -10.26
N HIS B 415 -29.45 -7.52 -10.92
CA HIS B 415 -29.41 -7.89 -12.33
C HIS B 415 -29.42 -9.40 -12.51
N LEU B 416 -28.92 -10.15 -11.53
CA LEU B 416 -29.00 -11.60 -11.59
C LEU B 416 -30.41 -12.08 -11.27
N LEU B 417 -31.04 -11.45 -10.30
CA LEU B 417 -32.43 -11.77 -9.97
C LEU B 417 -33.34 -11.48 -11.16
N ASP B 418 -33.12 -10.34 -11.81
CA ASP B 418 -33.96 -9.93 -12.91
C ASP B 418 -33.75 -10.86 -14.11
N GLU B 419 -32.53 -11.33 -14.31
CA GLU B 419 -32.25 -12.30 -15.38
C GLU B 419 -33.03 -13.56 -15.15
N ALA B 420 -33.05 -14.02 -13.90
CA ALA B 420 -33.76 -15.24 -13.57
C ALA B 420 -35.26 -15.06 -13.76
N LEU B 421 -35.78 -13.87 -13.45
CA LEU B 421 -37.22 -13.63 -13.59
C LEU B 421 -37.65 -13.54 -15.05
N ALA B 422 -36.70 -13.25 -15.93
CA ALA B 422 -36.96 -13.16 -17.38
C ALA B 422 -36.82 -14.52 -18.07
N ASP B 423 -36.25 -15.47 -17.36
CA ASP B 423 -35.92 -16.79 -17.89
C ASP B 423 -36.99 -17.81 -17.51
N PRO B 424 -37.75 -18.32 -18.49
CA PRO B 424 -38.81 -19.28 -18.15
C PRO B 424 -38.29 -20.52 -17.41
N ALA B 425 -37.02 -20.83 -17.62
CA ALA B 425 -36.41 -21.98 -16.96
C ALA B 425 -36.22 -21.76 -15.47
N ARG B 426 -36.21 -20.50 -15.03
CA ARG B 426 -35.91 -20.18 -13.63
C ARG B 426 -37.00 -19.35 -12.93
N ALA B 427 -37.76 -18.57 -13.69
CA ALA B 427 -38.61 -17.56 -13.10
C ALA B 427 -39.66 -18.11 -12.15
N SER B 428 -40.22 -19.28 -12.45
CA SER B 428 -41.31 -19.82 -11.64
C SER B 428 -40.88 -20.18 -10.22
N PHE B 429 -39.59 -20.38 -10.00
CA PHE B 429 -39.10 -20.72 -8.68
C PHE B 429 -39.14 -19.52 -7.73
N LEU B 430 -39.19 -18.30 -8.25
CA LEU B 430 -39.06 -17.11 -7.39
C LEU B 430 -40.42 -16.58 -6.98
N ASN B 431 -40.57 -16.28 -5.69
CA ASN B 431 -41.79 -15.69 -5.17
C ASN B 431 -41.60 -14.20 -4.98
N ARG B 432 -42.04 -13.40 -5.95
CA ARG B 432 -41.80 -11.96 -5.92
C ARG B 432 -42.34 -11.31 -4.66
N GLU B 433 -43.46 -11.81 -4.15
CA GLU B 433 -44.11 -11.18 -3.00
C GLU B 433 -43.21 -11.24 -1.76
N VAL B 434 -42.39 -12.27 -1.66
CA VAL B 434 -41.44 -12.37 -0.56
C VAL B 434 -40.09 -11.77 -0.96
N LEU B 435 -39.65 -12.07 -2.18
CA LEU B 435 -38.35 -11.60 -2.68
C LEU B 435 -38.23 -10.08 -2.66
N GLN B 436 -39.36 -9.45 -2.98
CA GLN B 436 -39.34 -7.94 -2.99
C GLN B 436 -38.86 -7.30 -1.61
N ARG B 437 -39.11 -8.08 -0.57
CA ARG B 437 -38.73 -7.66 0.76
C ARG B 437 -37.20 -7.67 0.94
N PHE B 438 -36.53 -8.49 0.13
CA PHE B 438 -35.09 -8.71 0.26
C PHE B 438 -34.28 -7.92 -0.77
N ARG B 439 -34.98 -7.22 -1.66
CA ARG B 439 -34.28 -6.31 -2.57
C ARG B 439 -33.55 -5.27 -1.75
N GLY B 440 -32.26 -5.09 -2.00
CA GLY B 440 -31.47 -4.13 -1.26
C GLY B 440 -30.94 -4.65 0.08
N PHE B 441 -31.22 -5.90 0.39
CA PHE B 441 -30.71 -6.54 1.60
C PHE B 441 -29.19 -6.54 1.58
N GLY B 442 -28.60 -6.69 0.41
CA GLY B 442 -27.18 -6.90 0.28
C GLY B 442 -26.94 -8.40 0.28
N GLY B 443 -26.18 -8.89 1.24
CA GLY B 443 -25.92 -10.32 1.35
C GLY B 443 -25.15 -10.69 2.60
N VAL B 444 -24.95 -12.00 2.74
CA VAL B 444 -24.21 -12.60 3.83
C VAL B 444 -23.15 -13.49 3.24
N ARG B 445 -21.93 -13.39 3.78
CA ARG B 445 -20.85 -14.32 3.48
C ARG B 445 -20.16 -14.69 4.79
N ILE B 446 -19.88 -15.96 4.97
CA ILE B 446 -19.21 -16.48 6.17
C ILE B 446 -17.96 -17.17 5.64
N GLU B 447 -16.78 -16.62 5.93
CA GLU B 447 -15.55 -17.21 5.39
C GLU B 447 -14.63 -17.66 6.50
N GLU B 448 -14.35 -18.96 6.50
CA GLU B 448 -13.44 -19.64 7.39
C GLU B 448 -12.21 -20.05 6.60
N ASP B 449 -11.08 -20.11 7.27
CA ASP B 449 -9.86 -20.69 6.70
C ASP B 449 -9.64 -22.05 7.35
N VAL B 450 -9.39 -23.08 6.54
CA VAL B 450 -9.24 -24.45 7.06
C VAL B 450 -8.06 -25.17 6.39
N VAL B 451 -7.55 -26.17 7.09
CA VAL B 451 -6.52 -27.07 6.58
C VAL B 451 -7.15 -28.43 6.34
N VAL B 452 -6.91 -29.05 5.19
CA VAL B 452 -7.31 -30.44 5.02
C VAL B 452 -6.35 -31.34 5.78
N THR B 453 -6.92 -32.23 6.59
CA THR B 453 -6.14 -33.16 7.40
C THR B 453 -6.51 -34.58 7.03
N ASP B 454 -5.81 -35.54 7.63
CA ASP B 454 -6.11 -36.95 7.41
C ASP B 454 -7.54 -37.27 7.81
N SER B 455 -8.03 -36.59 8.84
CA SER B 455 -9.32 -36.95 9.41
C SER B 455 -10.45 -36.05 8.95
N GLY B 456 -10.15 -34.98 8.24
CA GLY B 456 -11.18 -34.04 7.89
C GLY B 456 -10.53 -32.70 7.64
N ILE B 457 -10.80 -31.77 8.56
CA ILE B 457 -10.16 -30.46 8.51
C ILE B 457 -9.76 -30.01 9.89
N GLU B 458 -8.83 -29.06 9.89
CA GLU B 458 -8.51 -28.22 11.04
C GLU B 458 -9.02 -26.83 10.72
N LEU B 459 -9.95 -26.33 11.54
CA LEU B 459 -10.44 -24.96 11.38
C LEU B 459 -9.44 -23.99 12.00
N LEU B 460 -8.93 -23.08 11.19
CA LEU B 460 -7.96 -22.10 11.68
C LEU B 460 -8.61 -20.87 12.31
N THR B 461 -9.74 -20.47 11.77
CA THR B 461 -10.43 -19.25 12.18
C THR B 461 -11.20 -19.44 13.49
N CYS B 462 -11.25 -18.40 14.33
CA CYS B 462 -12.02 -18.49 15.58
C CYS B 462 -12.76 -17.19 15.84
N VAL B 463 -13.90 -17.03 15.19
CA VAL B 463 -14.74 -15.87 15.40
C VAL B 463 -16.15 -16.31 15.80
N PRO B 464 -16.91 -15.43 16.45
CA PRO B 464 -18.30 -15.79 16.71
C PRO B 464 -19.03 -16.07 15.41
N ARG B 465 -19.88 -17.11 15.42
CA ARG B 465 -20.57 -17.51 14.19
C ARG B 465 -22.08 -17.69 14.32
N THR B 466 -22.57 -18.18 15.45
CA THR B 466 -24.01 -18.30 15.59
C THR B 466 -24.60 -16.90 15.82
N VAL B 467 -25.90 -16.78 15.59
CA VAL B 467 -26.58 -15.52 15.89
C VAL B 467 -26.33 -15.09 17.33
N GLU B 468 -26.42 -16.02 18.26
CA GLU B 468 -26.21 -15.69 19.66
C GLU B 468 -24.76 -15.29 19.95
N GLU B 469 -23.80 -16.00 19.37
CA GLU B 469 -22.40 -15.66 19.57
C GLU B 469 -22.11 -14.27 19.05
N ILE B 470 -22.69 -13.93 17.90
CA ILE B 470 -22.40 -12.63 17.28
C ILE B 470 -23.04 -11.53 18.13
N GLU B 471 -24.27 -11.75 18.56
CA GLU B 471 -24.93 -10.74 19.38
C GLU B 471 -24.16 -10.55 20.69
N ALA B 472 -23.64 -11.63 21.27
CA ALA B 472 -22.84 -11.52 22.50
C ALA B 472 -21.53 -10.76 22.25
N CYS B 473 -20.88 -11.02 21.13
CA CYS B 473 -19.65 -10.34 20.82
C CYS B 473 -19.88 -8.84 20.68
N MET B 474 -20.95 -8.49 19.96
CA MET B 474 -21.24 -7.08 19.71
C MET B 474 -21.64 -6.36 20.98
N ALA B 475 -22.14 -7.10 21.96
CA ALA B 475 -22.52 -6.58 23.26
C ALA B 475 -21.33 -6.50 24.22
N GLY B 476 -20.12 -6.80 23.74
CA GLY B 476 -18.93 -6.63 24.55
C GLY B 476 -18.59 -7.76 25.49
N CYS B 477 -19.15 -8.95 25.25
CA CYS B 477 -18.87 -10.10 26.11
C CYS B 477 -17.44 -10.55 25.92
N ASP B 478 -16.82 -11.02 27.00
CA ASP B 478 -15.48 -11.58 26.94
C ASP B 478 -15.52 -12.80 26.05
N LYS B 479 -14.34 -13.21 25.58
CA LYS B 479 -14.19 -14.51 24.97
C LYS B 479 -14.48 -15.56 26.03
N ALA B 480 -14.53 -16.82 25.65
CA ALA B 480 -14.77 -17.92 26.57
C ALA B 480 -16.15 -17.87 27.22
N PHE B 481 -16.94 -16.83 26.92
CA PHE B 481 -18.35 -16.82 27.29
C PHE B 481 -19.07 -17.65 26.23
N THR B 482 -19.74 -18.72 26.68
CA THR B 482 -20.34 -19.71 25.79
C THR B 482 -21.86 -19.70 25.91
N PRO B 483 -22.54 -19.00 24.97
CA PRO B 483 -24.01 -19.02 24.89
C PRO B 483 -24.60 -20.43 24.99
#